data_4RMO
#
_entry.id   4RMO
#
_cell.length_a   63.110
_cell.length_b   185.891
_cell.length_c   138.780
_cell.angle_alpha   90.00
_cell.angle_beta   92.63
_cell.angle_gamma   90.00
#
_symmetry.space_group_name_H-M   'P 1 21 1'
#
loop_
_entity.id
_entity.type
_entity.pdbx_description
1 polymer 'CptN Toxin'
2 polymer 'RNA (45-MER)'
3 non-polymer 'CALCIUM ION'
4 water water
#
loop_
_entity_poly.entity_id
_entity_poly.type
_entity_poly.pdbx_seq_one_letter_code
_entity_poly.pdbx_strand_id
1 'polypeptide(L)'
;(MSE)IRNGFYIIKDRFFSD(MSE)SDPYLKGNKKQNRPHYYCFEDSNYNGIYW(MSE)IPLSSRIDKYKKIVSKRTGKG
RNCDIIHIVKLDDSHESAFLIQD(MSE)FPISDKYIEREYTIAGNHLRLTSEHAAKEIEQKARKVLG(MSE)LKRGIKFT
PTQPDIQKIYERLQQ
;
A,C,E,G,I,K,M,O
2 'polyribonucleotide' AAGUUUACCACUGACCGAUAUGUGGUAUAUAAAUGGUCGGGUUG(A23) B,D,F,H,J,L,N,P
#
# COMPACT_ATOMS: atom_id res chain seq x y z
N ILE A 2 -54.62 -40.37 -32.22
CA ILE A 2 -55.22 -40.82 -30.98
C ILE A 2 -54.99 -39.79 -29.91
N ARG A 3 -56.09 -39.47 -29.23
CA ARG A 3 -56.15 -38.46 -28.18
C ARG A 3 -54.98 -38.61 -27.22
N ASN A 4 -54.37 -37.46 -26.86
CA ASN A 4 -53.19 -37.39 -25.96
C ASN A 4 -51.85 -37.79 -26.59
N GLY A 5 -51.83 -38.15 -27.87
CA GLY A 5 -50.60 -38.37 -28.58
C GLY A 5 -49.91 -37.10 -29.05
N PHE A 6 -48.60 -37.20 -29.23
CA PHE A 6 -47.83 -36.17 -29.90
C PHE A 6 -47.57 -36.52 -31.39
N TYR A 7 -47.53 -35.49 -32.22
CA TYR A 7 -47.44 -35.64 -33.68
C TYR A 7 -46.57 -34.55 -34.26
N ILE A 8 -46.10 -34.85 -35.48
CA ILE A 8 -45.49 -33.88 -36.38
C ILE A 8 -46.49 -33.52 -37.45
N ILE A 9 -46.55 -32.24 -37.77
CA ILE A 9 -47.49 -31.67 -38.70
C ILE A 9 -46.72 -31.27 -39.96
N LYS A 10 -47.31 -31.54 -41.11
CA LYS A 10 -46.70 -31.22 -42.40
C LYS A 10 -46.51 -29.77 -42.56
N ASP A 11 -45.39 -29.41 -43.15
CA ASP A 11 -45.15 -27.98 -43.44
C ASP A 11 -46.22 -27.39 -44.33
N ARG A 12 -46.80 -28.26 -45.16
CA ARG A 12 -47.89 -27.85 -46.05
C ARG A 12 -49.00 -27.14 -45.30
N PHE A 13 -49.30 -27.60 -44.09
CA PHE A 13 -50.34 -26.97 -43.28
C PHE A 13 -49.99 -25.48 -43.07
N PHE A 14 -48.77 -25.23 -42.71
CA PHE A 14 -48.38 -23.88 -42.38
C PHE A 14 -48.27 -22.98 -43.61
N SER A 15 -47.80 -23.52 -44.73
CA SER A 15 -47.75 -22.73 -45.98
C SER A 15 -49.17 -22.53 -46.53
N ASP A 16 -50.06 -23.53 -46.45
CA ASP A 16 -51.48 -23.28 -46.81
C ASP A 16 -52.14 -22.22 -45.97
N SER A 18 -50.72 -19.92 -43.95
CA SER A 18 -50.00 -18.65 -44.04
C SER A 18 -50.34 -17.70 -42.88
N ASP A 19 -50.28 -18.20 -41.64
CA ASP A 19 -50.59 -17.36 -40.47
C ASP A 19 -49.32 -17.03 -39.75
N PRO A 20 -48.95 -15.75 -39.73
CA PRO A 20 -47.67 -15.40 -39.13
C PRO A 20 -47.62 -15.56 -37.63
N TYR A 21 -48.75 -15.86 -36.98
CA TYR A 21 -48.73 -15.94 -35.51
C TYR A 21 -48.79 -17.37 -34.95
N LEU A 22 -49.01 -18.37 -35.81
CA LEU A 22 -48.86 -19.75 -35.36
C LEU A 22 -47.44 -19.96 -34.94
N LYS A 23 -47.22 -20.82 -33.96
CA LYS A 23 -45.83 -21.15 -33.58
C LYS A 23 -45.18 -21.89 -34.77
N GLY A 24 -44.00 -21.44 -35.15
CA GLY A 24 -43.30 -22.00 -36.34
C GLY A 24 -43.06 -23.50 -36.20
N ASN A 25 -43.31 -24.23 -37.27
CA ASN A 25 -43.17 -25.66 -37.25
C ASN A 25 -41.73 -26.16 -37.24
N LYS A 26 -40.77 -25.26 -37.48
CA LYS A 26 -39.38 -25.68 -37.53
C LYS A 26 -39.19 -26.90 -38.45
N LYS A 27 -39.73 -26.80 -39.65
CA LYS A 27 -39.40 -27.78 -40.73
C LYS A 27 -39.71 -29.17 -40.27
N GLN A 28 -40.92 -29.32 -39.72
CA GLN A 28 -41.40 -30.62 -39.25
C GLN A 28 -40.64 -31.21 -38.07
N ASN A 29 -40.20 -30.32 -37.15
CA ASN A 29 -39.57 -30.77 -35.93
C ASN A 29 -40.29 -30.36 -34.61
N ARG A 30 -41.28 -29.49 -34.65
CA ARG A 30 -41.96 -29.11 -33.43
C ARG A 30 -43.04 -30.14 -33.09
N PRO A 31 -42.94 -30.79 -31.93
CA PRO A 31 -44.02 -31.67 -31.55
C PRO A 31 -45.30 -30.91 -31.25
N HIS A 32 -46.45 -31.46 -31.65
CA HIS A 32 -47.73 -30.90 -31.35
C HIS A 32 -48.59 -31.93 -30.66
N TYR A 33 -49.41 -31.48 -29.72
CA TYR A 33 -50.23 -32.38 -28.93
C TYR A 33 -51.67 -32.36 -29.44
N TYR A 34 -52.23 -33.53 -29.65
CA TYR A 34 -53.62 -33.66 -30.06
C TYR A 34 -54.52 -33.69 -28.82
N CYS A 35 -55.22 -32.60 -28.59
CA CYS A 35 -56.04 -32.43 -27.41
C CYS A 35 -57.47 -33.01 -27.47
N PHE A 36 -58.27 -32.60 -28.44
CA PHE A 36 -59.59 -33.17 -28.62
C PHE A 36 -60.14 -32.88 -29.98
N GLU A 37 -61.07 -33.71 -30.42
CA GLU A 37 -61.77 -33.50 -31.67
C GLU A 37 -62.74 -32.35 -31.51
N ASP A 38 -62.96 -31.60 -32.57
CA ASP A 38 -63.95 -30.52 -32.55
C ASP A 38 -65.37 -31.12 -32.35
N SER A 39 -66.20 -30.47 -31.53
CA SER A 39 -67.59 -30.91 -31.29
C SER A 39 -68.51 -30.78 -32.50
N ASN A 40 -68.31 -29.72 -33.29
CA ASN A 40 -69.22 -29.38 -34.41
C ASN A 40 -68.92 -30.07 -35.74
N TYR A 41 -67.65 -30.34 -36.05
CA TYR A 41 -67.29 -31.06 -37.28
C TYR A 41 -66.31 -32.17 -37.04
N ASN A 42 -66.73 -33.38 -37.38
CA ASN A 42 -65.83 -34.53 -37.32
C ASN A 42 -64.70 -34.31 -38.33
N GLY A 43 -63.51 -34.77 -38.01
CA GLY A 43 -62.36 -34.60 -38.90
C GLY A 43 -61.64 -33.27 -38.71
N ILE A 44 -62.06 -32.47 -37.73
CA ILE A 44 -61.29 -31.32 -37.30
C ILE A 44 -60.80 -31.58 -35.87
N TYR A 45 -59.51 -31.36 -35.64
CA TYR A 45 -58.83 -31.75 -34.42
C TYR A 45 -58.09 -30.56 -33.86
N TRP A 46 -58.11 -30.40 -32.55
CA TRP A 46 -57.51 -29.26 -31.92
C TRP A 46 -56.12 -29.67 -31.40
N ILE A 48 -52.16 -28.50 -29.85
CA ILE A 48 -51.40 -27.55 -29.04
C ILE A 48 -49.92 -27.70 -29.31
N PRO A 49 -49.27 -26.61 -29.69
CA PRO A 49 -47.87 -26.68 -29.95
C PRO A 49 -47.05 -26.70 -28.64
N LEU A 50 -45.89 -27.37 -28.64
CA LEU A 50 -44.99 -27.33 -27.51
C LEU A 50 -43.74 -26.52 -27.75
N SER A 51 -43.18 -26.02 -26.64
CA SER A 51 -41.90 -25.39 -26.64
C SER A 51 -41.09 -25.92 -25.44
N SER A 52 -39.78 -26.02 -25.60
CA SER A 52 -38.90 -26.35 -24.46
C SER A 52 -38.27 -25.15 -23.80
N ARG A 53 -38.72 -23.93 -24.11
CA ARG A 53 -38.14 -22.72 -23.53
C ARG A 53 -38.75 -22.44 -22.16
N ILE A 54 -38.37 -23.28 -21.19
CA ILE A 54 -39.05 -23.36 -19.93
C ILE A 54 -38.84 -22.07 -19.14
N ASP A 55 -37.63 -21.50 -19.21
CA ASP A 55 -37.29 -20.24 -18.54
C ASP A 55 -38.25 -19.16 -19.01
N LYS A 56 -38.53 -19.10 -20.31
CA LYS A 56 -39.44 -18.09 -20.81
C LYS A 56 -40.87 -18.34 -20.34
N TYR A 57 -41.34 -19.58 -20.50
CA TYR A 57 -42.75 -19.86 -20.26
C TYR A 57 -43.12 -19.95 -18.78
N LYS A 58 -42.17 -20.28 -17.93
CA LYS A 58 -42.34 -20.20 -16.46
C LYS A 58 -42.65 -18.79 -16.02
N LYS A 59 -41.99 -17.78 -16.60
CA LYS A 59 -42.25 -16.39 -16.24
C LYS A 59 -43.66 -16.01 -16.59
N ILE A 60 -44.16 -16.55 -17.67
CA ILE A 60 -45.52 -16.21 -18.06
C ILE A 60 -46.54 -16.87 -17.15
N VAL A 61 -46.31 -18.13 -16.81
CA VAL A 61 -47.11 -18.79 -15.79
C VAL A 61 -47.13 -18.03 -14.44
N SER A 62 -45.96 -17.62 -13.97
CA SER A 62 -45.82 -16.93 -12.68
C SER A 62 -46.50 -15.53 -12.65
N LYS A 63 -46.76 -14.91 -13.81
CA LYS A 63 -47.60 -13.71 -13.87
C LYS A 63 -48.98 -13.95 -13.25
N ARG A 64 -49.54 -15.13 -13.46
CA ARG A 64 -50.84 -15.42 -12.87
C ARG A 64 -50.74 -16.07 -11.50
N THR A 65 -49.85 -17.03 -11.44
CA THR A 65 -49.57 -17.79 -10.25
C THR A 65 -49.17 -16.88 -9.05
N GLY A 66 -48.37 -15.85 -9.32
CA GLY A 66 -47.91 -14.92 -8.32
C GLY A 66 -49.02 -14.02 -7.79
N LYS A 67 -50.12 -13.92 -8.56
CA LYS A 67 -51.37 -13.29 -8.09
C LYS A 67 -52.42 -14.33 -7.63
N GLY A 68 -52.00 -15.52 -7.22
CA GLY A 68 -52.92 -16.52 -6.70
C GLY A 68 -53.90 -17.13 -7.70
N ARG A 69 -53.63 -17.01 -9.00
CA ARG A 69 -54.50 -17.62 -10.03
C ARG A 69 -53.84 -18.76 -10.79
N ASN A 70 -54.66 -19.65 -11.31
CA ASN A 70 -54.19 -20.64 -12.29
C ASN A 70 -53.80 -20.01 -13.62
N CYS A 71 -52.78 -20.56 -14.28
CA CYS A 71 -52.45 -20.18 -15.67
C CYS A 71 -53.07 -21.22 -16.59
N ASP A 72 -54.03 -20.82 -17.42
CA ASP A 72 -54.62 -21.76 -18.39
C ASP A 72 -53.94 -21.70 -19.76
N ILE A 73 -53.27 -20.60 -20.08
CA ILE A 73 -52.76 -20.38 -21.41
C ILE A 73 -51.41 -21.10 -21.66
N ILE A 74 -50.74 -21.47 -20.58
CA ILE A 74 -49.53 -22.25 -20.61
C ILE A 74 -49.53 -23.25 -19.49
N HIS A 75 -49.17 -24.47 -19.81
CA HIS A 75 -49.04 -25.53 -18.81
C HIS A 75 -47.73 -26.27 -19.06
N ILE A 76 -46.95 -26.42 -18.01
CA ILE A 76 -45.63 -27.02 -18.08
C ILE A 76 -45.67 -28.32 -17.33
N VAL A 77 -45.28 -29.38 -18.00
CA VAL A 77 -45.24 -30.67 -17.37
C VAL A 77 -44.11 -31.52 -17.96
N LYS A 78 -43.60 -32.43 -17.15
CA LYS A 78 -42.56 -33.36 -17.55
C LYS A 78 -43.22 -34.43 -18.39
N LEU A 79 -42.74 -34.62 -19.61
CA LEU A 79 -43.26 -35.72 -20.47
C LEU A 79 -42.56 -37.03 -20.14
N ASP A 80 -42.99 -38.08 -20.81
CA ASP A 80 -42.44 -39.41 -20.59
C ASP A 80 -40.96 -39.56 -21.08
N ASP A 81 -40.43 -38.55 -21.77
CA ASP A 81 -39.01 -38.51 -22.06
C ASP A 81 -38.22 -37.89 -20.87
N SER A 82 -38.92 -37.61 -19.77
CA SER A 82 -38.35 -37.13 -18.53
C SER A 82 -37.86 -35.70 -18.62
N HIS A 83 -38.28 -34.95 -19.64
CA HIS A 83 -37.99 -33.53 -19.70
C HIS A 83 -39.26 -32.69 -19.69
N GLU A 84 -39.13 -31.46 -19.15
CA GLU A 84 -40.22 -30.52 -19.03
C GLU A 84 -40.54 -29.88 -20.38
N SER A 85 -41.83 -29.80 -20.69
CA SER A 85 -42.31 -29.16 -21.90
C SER A 85 -43.42 -28.16 -21.58
N ALA A 86 -43.41 -27.04 -22.29
CA ALA A 86 -44.46 -26.08 -22.22
C ALA A 86 -45.50 -26.29 -23.32
N PHE A 87 -46.77 -26.40 -22.91
CA PHE A 87 -47.90 -26.55 -23.78
C PHE A 87 -48.42 -25.16 -23.98
N LEU A 88 -48.30 -24.62 -25.20
CA LEU A 88 -48.71 -23.25 -25.44
C LEU A 88 -50.17 -23.29 -25.86
N ILE A 89 -51.02 -23.46 -24.86
CA ILE A 89 -52.44 -23.65 -25.09
C ILE A 89 -53.00 -22.37 -25.72
N GLN A 90 -52.45 -21.23 -25.31
CA GLN A 90 -52.72 -19.94 -25.95
C GLN A 90 -52.75 -20.00 -27.48
N ASP A 91 -51.92 -20.88 -28.06
CA ASP A 91 -51.69 -20.88 -29.50
C ASP A 91 -52.25 -22.12 -30.14
N PHE A 93 -54.82 -24.60 -32.13
CA PHE A 93 -55.39 -24.37 -33.44
C PHE A 93 -55.94 -25.64 -34.03
N PRO A 94 -56.80 -25.51 -35.04
CA PRO A 94 -57.42 -26.69 -35.60
C PRO A 94 -56.75 -27.23 -36.83
N ILE A 95 -56.94 -28.51 -37.07
CA ILE A 95 -56.29 -29.16 -38.17
C ILE A 95 -57.13 -30.35 -38.66
N SER A 96 -56.84 -30.85 -39.85
CA SER A 96 -57.51 -32.04 -40.36
C SER A 96 -56.48 -33.08 -40.63
N ASP A 97 -56.96 -34.28 -40.84
CA ASP A 97 -56.15 -35.46 -40.90
C ASP A 97 -55.05 -35.42 -41.95
N LYS A 98 -55.34 -34.84 -43.11
CA LYS A 98 -54.40 -34.91 -44.22
C LYS A 98 -53.13 -34.08 -43.95
N TYR A 99 -53.20 -33.19 -42.97
CA TYR A 99 -52.07 -32.38 -42.62
C TYR A 99 -51.14 -33.02 -41.57
N ILE A 100 -51.50 -34.19 -41.08
CA ILE A 100 -50.69 -34.86 -40.05
C ILE A 100 -49.64 -35.68 -40.74
N GLU A 101 -48.39 -35.52 -40.34
CA GLU A 101 -47.29 -36.22 -41.04
C GLU A 101 -47.07 -37.58 -40.43
N ARG A 102 -46.90 -37.63 -39.11
CA ARG A 102 -46.55 -38.88 -38.45
C ARG A 102 -46.62 -38.71 -36.94
N GLU A 103 -46.57 -39.83 -36.24
CA GLU A 103 -46.37 -39.87 -34.81
C GLU A 103 -45.01 -39.31 -34.41
N TYR A 104 -44.97 -38.58 -33.30
CA TYR A 104 -43.67 -38.16 -32.70
C TYR A 104 -43.26 -39.30 -31.82
N THR A 105 -42.02 -39.76 -31.95
CA THR A 105 -41.56 -40.99 -31.29
C THR A 105 -40.45 -40.85 -30.28
N ILE A 106 -40.41 -41.82 -29.36
CA ILE A 106 -39.29 -41.99 -28.44
C ILE A 106 -38.80 -43.44 -28.63
N ALA A 107 -37.60 -43.59 -29.17
CA ALA A 107 -37.00 -44.89 -29.48
C ALA A 107 -37.99 -45.78 -30.23
N GLY A 108 -38.64 -45.24 -31.23
CA GLY A 108 -39.56 -46.05 -32.02
C GLY A 108 -40.91 -46.41 -31.39
N ASN A 109 -41.20 -45.90 -30.18
CA ASN A 109 -42.55 -45.87 -29.68
C ASN A 109 -43.19 -44.47 -29.82
N HIS A 110 -44.50 -44.44 -29.78
CA HIS A 110 -45.25 -43.21 -29.93
C HIS A 110 -45.18 -42.43 -28.62
N LEU A 111 -44.58 -41.25 -28.60
CA LEU A 111 -44.62 -40.42 -27.41
C LEU A 111 -46.06 -39.92 -27.22
N ARG A 112 -46.56 -40.06 -26.01
CA ARG A 112 -47.87 -39.56 -25.71
C ARG A 112 -47.96 -39.18 -24.21
N LEU A 113 -49.00 -38.44 -23.86
CA LEU A 113 -49.14 -37.98 -22.47
C LEU A 113 -49.90 -39.11 -21.73
N THR A 114 -49.16 -40.10 -21.23
CA THR A 114 -49.77 -41.28 -20.60
C THR A 114 -50.35 -40.99 -19.22
N SER A 115 -49.78 -40.02 -18.51
CA SER A 115 -50.33 -39.59 -17.22
C SER A 115 -51.71 -38.93 -17.40
N GLU A 116 -52.76 -39.71 -17.17
CA GLU A 116 -54.11 -39.22 -17.36
C GLU A 116 -54.43 -37.96 -16.58
N HIS A 117 -53.90 -37.79 -15.39
CA HIS A 117 -54.29 -36.62 -14.64
C HIS A 117 -53.74 -35.34 -15.28
N ALA A 118 -52.59 -35.44 -15.96
CA ALA A 118 -52.01 -34.27 -16.63
C ALA A 118 -52.83 -34.00 -17.89
N ALA A 119 -53.18 -35.03 -18.63
CA ALA A 119 -53.99 -34.86 -19.81
C ALA A 119 -55.29 -34.16 -19.47
N LYS A 120 -55.92 -34.59 -18.37
CA LYS A 120 -57.21 -34.04 -17.96
C LYS A 120 -57.10 -32.58 -17.61
N GLU A 121 -56.04 -32.21 -16.92
CA GLU A 121 -55.86 -30.82 -16.58
C GLU A 121 -55.65 -29.96 -17.86
N ILE A 122 -54.90 -30.49 -18.81
CA ILE A 122 -54.60 -29.79 -20.03
C ILE A 122 -55.87 -29.66 -20.87
N GLU A 123 -56.66 -30.70 -20.93
CA GLU A 123 -57.91 -30.68 -21.65
CA GLU A 123 -57.90 -30.65 -21.62
C GLU A 123 -58.83 -29.57 -21.07
N GLN A 124 -58.89 -29.45 -19.75
CA GLN A 124 -59.74 -28.44 -19.16
C GLN A 124 -59.25 -27.08 -19.49
N LYS A 125 -57.94 -26.90 -19.43
CA LYS A 125 -57.38 -25.59 -19.70
C LYS A 125 -57.68 -25.21 -21.14
N ALA A 126 -57.63 -26.19 -22.03
CA ALA A 126 -57.80 -25.97 -23.44
C ALA A 126 -59.22 -25.61 -23.78
N ARG A 127 -60.18 -26.22 -23.09
CA ARG A 127 -61.59 -25.92 -23.33
C ARG A 127 -61.89 -24.51 -22.91
N LYS A 128 -61.31 -24.11 -21.78
CA LYS A 128 -61.46 -22.79 -21.30
C LYS A 128 -60.80 -21.76 -22.27
N VAL A 129 -59.57 -22.02 -22.67
CA VAL A 129 -58.88 -21.11 -23.53
C VAL A 129 -59.62 -20.97 -24.87
N LEU A 130 -60.02 -22.09 -25.44
CA LEU A 130 -60.75 -22.04 -26.70
C LEU A 130 -62.06 -21.27 -26.54
N GLY A 131 -62.72 -21.43 -25.39
CA GLY A 131 -63.98 -20.74 -25.15
C GLY A 131 -63.79 -19.24 -25.14
N LEU A 133 -61.10 -17.60 -26.54
CA LEU A 133 -60.71 -17.19 -27.88
C LEU A 133 -61.93 -16.97 -28.79
N LYS A 134 -62.88 -17.91 -28.77
CA LYS A 134 -64.09 -17.84 -29.55
C LYS A 134 -64.91 -16.60 -29.25
N ARG A 135 -64.71 -16.04 -28.06
CA ARG A 135 -65.43 -14.84 -27.62
C ARG A 135 -64.60 -13.60 -27.74
N GLY A 136 -63.51 -13.71 -28.47
CA GLY A 136 -62.78 -12.53 -28.82
C GLY A 136 -61.73 -12.13 -27.82
N ILE A 137 -61.47 -12.97 -26.82
CA ILE A 137 -60.33 -12.65 -25.93
C ILE A 137 -58.99 -12.79 -26.67
N LYS A 138 -58.07 -11.89 -26.37
CA LYS A 138 -56.74 -11.86 -26.95
C LYS A 138 -55.74 -11.85 -25.83
N PHE A 139 -55.01 -12.95 -25.69
CA PHE A 139 -54.00 -13.07 -24.65
C PHE A 139 -52.70 -12.40 -25.03
N THR A 140 -52.39 -12.37 -26.32
CA THR A 140 -51.26 -11.61 -26.83
C THR A 140 -51.76 -10.76 -27.98
N PRO A 141 -50.97 -9.77 -28.41
CA PRO A 141 -51.35 -9.01 -29.56
C PRO A 141 -51.07 -9.73 -30.85
N THR A 142 -50.51 -10.94 -30.76
CA THR A 142 -50.06 -11.69 -31.93
C THR A 142 -50.67 -13.04 -31.83
N GLN A 143 -51.94 -13.05 -31.98
CA GLN A 143 -52.69 -14.23 -31.81
C GLN A 143 -53.10 -14.86 -33.14
N PRO A 144 -52.90 -16.16 -33.34
CA PRO A 144 -53.31 -16.79 -34.61
C PRO A 144 -54.77 -16.63 -34.86
N ASP A 145 -55.13 -16.55 -36.15
CA ASP A 145 -56.53 -16.42 -36.58
C ASP A 145 -57.12 -17.79 -36.80
N ILE A 146 -57.46 -18.41 -35.69
CA ILE A 146 -57.97 -19.78 -35.74
C ILE A 146 -59.37 -19.89 -36.37
N GLN A 147 -60.15 -18.81 -36.30
CA GLN A 147 -61.44 -18.79 -37.02
C GLN A 147 -61.23 -18.96 -38.55
N LYS A 148 -60.30 -18.23 -39.09
CA LYS A 148 -60.01 -18.34 -40.50
C LYS A 148 -59.57 -19.77 -40.87
N ILE A 149 -58.68 -20.34 -40.06
CA ILE A 149 -58.21 -21.73 -40.29
C ILE A 149 -59.37 -22.72 -40.19
N TYR A 150 -60.17 -22.56 -39.15
CA TYR A 150 -61.31 -23.42 -38.94
C TYR A 150 -62.27 -23.42 -40.14
N GLU A 151 -62.57 -22.24 -40.67
CA GLU A 151 -63.46 -22.14 -41.87
C GLU A 151 -62.81 -22.76 -43.09
N ARG A 152 -61.51 -22.52 -43.29
CA ARG A 152 -60.82 -23.16 -44.42
C ARG A 152 -60.92 -24.66 -44.34
N LEU A 153 -60.81 -25.22 -43.13
CA LEU A 153 -60.86 -26.68 -42.96
C LEU A 153 -62.24 -27.23 -43.32
N GLN A 154 -63.29 -26.51 -42.99
CA GLN A 154 -64.65 -26.92 -43.44
C GLN A 154 -64.59 -27.03 -44.99
N GLN A 155 -64.48 -28.25 -45.58
CA GLN A 155 -63.48 -28.44 -46.76
C GLN A 155 -63.83 -27.60 -47.95
N ILE C 2 -0.30 -66.32 -9.66
CA ILE C 2 0.14 -64.99 -9.35
C ILE C 2 -0.20 -64.65 -7.92
N ARG C 3 0.82 -64.14 -7.22
CA ARG C 3 0.73 -63.75 -5.82
C ARG C 3 -0.54 -62.94 -5.55
N ASN C 4 -1.21 -63.27 -4.44
CA ASN C 4 -2.44 -62.65 -3.98
C ASN C 4 -3.70 -63.10 -4.74
N GLY C 5 -3.56 -64.03 -5.69
CA GLY C 5 -4.72 -64.60 -6.35
C GLY C 5 -5.40 -65.73 -5.59
N PHE C 6 -6.67 -65.95 -5.86
CA PHE C 6 -7.40 -67.08 -5.35
C PHE C 6 -7.52 -68.21 -6.42
N TYR C 7 -7.50 -69.45 -5.95
CA TYR C 7 -7.42 -70.61 -6.80
C TYR C 7 -8.24 -71.70 -6.25
N ILE C 8 -8.63 -72.59 -7.15
CA ILE C 8 -9.13 -73.89 -6.82
C ILE C 8 -7.99 -74.89 -6.95
N ILE C 9 -7.93 -75.83 -6.03
CA ILE C 9 -6.93 -76.86 -6.00
C ILE C 9 -7.55 -78.18 -6.32
N LYS C 10 -6.83 -78.97 -7.11
CA LYS C 10 -7.31 -80.28 -7.54
C LYS C 10 -7.56 -81.18 -6.38
N ASP C 11 -8.64 -81.96 -6.45
CA ASP C 11 -8.88 -82.97 -5.44
C ASP C 11 -7.72 -83.93 -5.35
N ARG C 12 -7.06 -84.17 -6.47
CA ARG C 12 -5.88 -85.05 -6.51
C ARG C 12 -4.81 -84.71 -5.46
N PHE C 13 -4.63 -83.43 -5.21
CA PHE C 13 -3.69 -83.00 -4.14
C PHE C 13 -4.09 -83.58 -2.80
N PHE C 14 -5.36 -83.45 -2.47
CA PHE C 14 -5.84 -83.97 -1.18
C PHE C 14 -5.83 -85.50 -1.09
N SER C 15 -6.15 -86.20 -2.19
CA SER C 15 -6.03 -87.65 -2.16
C SER C 15 -4.58 -88.07 -2.06
N ASP C 16 -3.71 -87.45 -2.85
CA ASP C 16 -2.31 -87.81 -2.78
C ASP C 16 -1.76 -87.63 -1.34
N SER C 18 -3.48 -87.23 1.58
CA SER C 18 -4.23 -88.01 2.52
C SER C 18 -4.06 -87.52 3.99
N ASP C 19 -4.25 -86.22 4.20
CA ASP C 19 -4.04 -85.64 5.51
C ASP C 19 -5.39 -85.28 6.07
N PRO C 20 -5.81 -85.96 7.13
CA PRO C 20 -7.15 -85.74 7.64
C PRO C 20 -7.36 -84.36 8.28
N TYR C 21 -6.29 -83.57 8.42
CA TYR C 21 -6.45 -82.28 9.10
C TYR C 21 -6.41 -81.08 8.18
N LEU C 22 -6.08 -81.28 6.89
CA LEU C 22 -6.24 -80.21 5.90
C LEU C 22 -7.71 -79.88 5.78
N LYS C 23 -8.03 -78.62 5.59
CA LYS C 23 -9.39 -78.23 5.40
C LYS C 23 -9.94 -78.90 4.12
N GLY C 24 -11.06 -79.58 4.25
CA GLY C 24 -11.64 -80.29 3.13
C GLY C 24 -11.93 -79.42 1.90
N ASN C 25 -11.56 -79.93 0.74
CA ASN C 25 -11.62 -79.16 -0.47
C ASN C 25 -13.01 -79.03 -1.05
N LYS C 26 -13.97 -79.83 -0.55
CA LYS C 26 -15.33 -79.70 -0.99
C LYS C 26 -15.44 -79.83 -2.53
N LYS C 27 -14.75 -80.83 -3.05
CA LYS C 27 -14.93 -81.29 -4.46
C LYS C 27 -14.63 -80.15 -5.34
N GLN C 28 -13.50 -79.50 -5.07
CA GLN C 28 -12.98 -78.39 -5.86
C GLN C 28 -13.85 -77.14 -5.78
N ASN C 29 -14.39 -76.86 -4.59
CA ASN C 29 -15.13 -75.61 -4.38
C ASN C 29 -14.60 -74.67 -3.30
N ARG C 30 -13.60 -75.08 -2.54
CA ARG C 30 -13.04 -74.15 -1.52
C ARG C 30 -12.00 -73.27 -2.15
N PRO C 31 -12.19 -71.95 -2.13
CA PRO C 31 -11.14 -71.09 -2.61
C PRO C 31 -9.91 -71.11 -1.69
N HIS C 32 -8.73 -71.08 -2.28
CA HIS C 32 -7.47 -71.02 -1.54
C HIS C 32 -6.69 -69.82 -2.02
N TYR C 33 -5.98 -69.18 -1.10
CA TYR C 33 -5.20 -67.97 -1.39
C TYR C 33 -3.71 -68.27 -1.53
N TYR C 34 -3.10 -67.79 -2.60
CA TYR C 34 -1.69 -68.03 -2.83
C TYR C 34 -0.91 -66.89 -2.16
N CYS C 35 -0.25 -67.21 -1.07
CA CYS C 35 0.40 -66.24 -0.26
C CYS C 35 1.85 -65.88 -0.66
N PHE C 36 2.73 -66.86 -0.74
CA PHE C 36 4.08 -66.59 -1.28
C PHE C 36 4.75 -67.86 -1.72
N GLU C 37 5.73 -67.72 -2.58
CA GLU C 37 6.56 -68.84 -2.99
C GLU C 37 7.48 -69.24 -1.85
N ASP C 38 7.80 -70.53 -1.75
CA ASP C 38 8.75 -71.01 -0.74
C ASP C 38 10.16 -70.43 -1.03
N SER C 39 10.86 -69.99 0.01
CA SER C 39 12.22 -69.41 -0.12
C SER C 39 13.27 -70.43 -0.59
N ASN C 40 13.15 -71.68 -0.14
CA ASN C 40 14.18 -72.69 -0.35
C ASN C 40 14.04 -73.49 -1.66
N TYR C 41 12.81 -73.72 -2.13
CA TYR C 41 12.59 -74.45 -3.39
C TYR C 41 11.61 -73.73 -4.28
N ASN C 42 12.09 -73.35 -5.46
CA ASN C 42 11.21 -72.79 -6.47
C ASN C 42 10.19 -73.86 -6.88
N GLY C 43 8.98 -73.42 -7.20
CA GLY C 43 7.90 -74.35 -7.59
C GLY C 43 7.11 -74.90 -6.42
N ILE C 44 7.44 -74.49 -5.19
CA ILE C 44 6.62 -74.80 -4.03
C ILE C 44 6.01 -73.51 -3.58
N TYR C 45 4.67 -73.53 -3.41
CA TYR C 45 3.88 -72.33 -3.13
C TYR C 45 3.07 -72.54 -1.90
N TRP C 46 2.98 -71.50 -1.09
CA TRP C 46 2.24 -71.61 0.19
C TRP C 46 0.84 -71.09 -0.01
N ILE C 48 -3.28 -70.68 1.53
CA ILE C 48 -4.13 -70.56 2.70
C ILE C 48 -5.59 -70.86 2.31
N PRO C 49 -6.23 -71.81 3.00
CA PRO C 49 -7.64 -72.09 2.76
C PRO C 49 -8.60 -71.07 3.38
N LEU C 50 -9.73 -70.78 2.70
CA LEU C 50 -10.71 -69.89 3.22
C LEU C 50 -11.94 -70.57 3.71
N SER C 51 -12.63 -69.90 4.61
CA SER C 51 -13.93 -70.34 5.12
C SER C 51 -14.84 -69.13 5.27
N SER C 52 -16.13 -69.30 5.02
CA SER C 52 -17.06 -68.20 5.19
C SER C 52 -17.84 -68.36 6.50
N ARG C 53 -17.41 -69.24 7.39
CA ARG C 53 -18.06 -69.40 8.70
C ARG C 53 -17.55 -68.32 9.68
N ILE C 54 -17.95 -67.09 9.43
CA ILE C 54 -17.45 -65.95 10.09
C ILE C 54 -17.79 -65.97 11.59
N ASP C 55 -19.01 -66.41 11.95
CA ASP C 55 -19.42 -66.53 13.36
C ASP C 55 -18.47 -67.45 14.13
N LYS C 56 -18.08 -68.59 13.52
CA LYS C 56 -17.13 -69.46 14.17
C LYS C 56 -15.73 -68.81 14.29
N TYR C 57 -15.23 -68.26 13.20
CA TYR C 57 -13.86 -67.83 13.20
C TYR C 57 -13.62 -66.51 13.95
N LYS C 58 -14.64 -65.66 14.00
CA LYS C 58 -14.61 -64.41 14.77
C LYS C 58 -14.42 -64.75 16.30
N LYS C 59 -15.01 -65.83 16.80
CA LYS C 59 -14.78 -66.24 18.19
C LYS C 59 -13.34 -66.62 18.45
N ILE C 60 -12.71 -67.22 17.47
CA ILE C 60 -11.36 -67.65 17.66
C ILE C 60 -10.43 -66.45 17.67
N VAL C 61 -10.65 -65.52 16.76
CA VAL C 61 -9.93 -64.28 16.74
C VAL C 61 -10.05 -63.55 18.12
N SER C 62 -11.27 -63.47 18.63
CA SER C 62 -11.53 -62.73 19.85
C SER C 62 -10.86 -63.37 21.09
N LYS C 63 -10.54 -64.65 21.05
CA LYS C 63 -9.75 -65.27 22.11
C LYS C 63 -8.44 -64.49 22.33
N ARG C 64 -7.83 -64.01 21.25
CA ARG C 64 -6.58 -63.27 21.39
C ARG C 64 -6.78 -61.79 21.50
N THR C 65 -7.68 -61.29 20.67
CA THR C 65 -8.06 -59.92 20.61
C THR C 65 -8.60 -59.38 21.97
N GLY C 66 -9.38 -60.21 22.65
CA GLY C 66 -9.94 -59.86 23.95
C GLY C 66 -8.89 -59.78 25.05
N LYS C 67 -7.73 -60.39 24.83
CA LYS C 67 -6.53 -60.23 25.67
C LYS C 67 -5.52 -59.22 25.06
N GLY C 68 -5.98 -58.29 24.22
CA GLY C 68 -5.11 -57.25 23.69
C GLY C 68 -4.04 -57.72 22.72
N ARG C 69 -4.16 -58.92 22.19
CA ARG C 69 -3.17 -59.43 21.23
C ARG C 69 -3.74 -59.55 19.81
N ASN C 70 -2.86 -59.45 18.82
CA ASN C 70 -3.22 -59.80 17.42
C ASN C 70 -3.45 -61.30 17.23
N CYS C 71 -4.40 -61.65 16.35
CA CYS C 71 -4.61 -63.06 15.95
C CYS C 71 -3.92 -63.25 14.64
N ASP C 72 -2.87 -64.06 14.64
CA ASP C 72 -2.17 -64.34 13.40
C ASP C 72 -2.68 -65.60 12.69
N ILE C 73 -3.34 -66.52 13.41
CA ILE C 73 -3.70 -67.81 12.86
C ILE C 73 -5.01 -67.72 12.00
N ILE C 74 -5.82 -66.68 12.24
CA ILE C 74 -7.00 -66.36 11.47
C ILE C 74 -7.08 -64.87 11.21
N HIS C 75 -7.41 -64.52 9.98
CA HIS C 75 -7.61 -63.14 9.61
C HIS C 75 -8.87 -63.07 8.76
N ILE C 76 -9.75 -62.14 9.12
CA ILE C 76 -11.03 -61.97 8.46
C ILE C 76 -11.04 -60.64 7.71
N VAL C 77 -11.35 -60.69 6.43
CA VAL C 77 -11.42 -59.51 5.63
C VAL C 77 -12.47 -59.65 4.52
N LYS C 78 -13.03 -58.52 4.14
CA LYS C 78 -13.98 -58.45 3.04
C LYS C 78 -13.22 -58.55 1.73
N LEU C 79 -13.57 -59.50 0.89
CA LEU C 79 -12.95 -59.60 -0.46
C LEU C 79 -13.64 -58.73 -1.46
N ASP C 80 -13.14 -58.73 -2.68
CA ASP C 80 -13.66 -57.88 -3.73
C ASP C 80 -15.05 -58.33 -4.20
N ASP C 81 -15.54 -59.48 -3.72
CA ASP C 81 -16.95 -59.86 -3.92
C ASP C 81 -17.87 -59.23 -2.88
N SER C 82 -17.29 -58.42 -2.00
CA SER C 82 -17.98 -57.66 -0.99
C SER C 82 -18.48 -58.50 0.17
N HIS C 83 -17.99 -59.72 0.29
CA HIS C 83 -18.31 -60.55 1.46
C HIS C 83 -17.06 -60.89 2.27
N GLU C 84 -17.28 -61.10 3.56
CA GLU C 84 -16.22 -61.41 4.50
C GLU C 84 -15.77 -62.83 4.32
N SER C 85 -14.46 -63.04 4.36
CA SER C 85 -13.87 -64.34 4.34
C SER C 85 -12.87 -64.50 5.47
N ALA C 86 -12.87 -65.68 6.11
CA ALA C 86 -11.82 -66.05 7.03
C ALA C 86 -10.66 -66.78 6.34
N PHE C 87 -9.46 -66.27 6.55
CA PHE C 87 -8.25 -66.89 6.04
C PHE C 87 -7.73 -67.77 7.17
N LEU C 88 -7.72 -69.09 6.99
CA LEU C 88 -7.30 -69.99 8.04
C LEU C 88 -5.79 -70.21 7.92
N ILE C 89 -5.03 -69.18 8.34
CA ILE C 89 -3.61 -69.15 8.17
C ILE C 89 -3.00 -70.34 8.96
N GLN C 90 -3.58 -70.61 10.11
CA GLN C 90 -3.25 -71.84 10.89
C GLN C 90 -3.05 -73.07 10.03
N ASP C 91 -3.84 -73.19 8.95
CA ASP C 91 -3.95 -74.43 8.19
C ASP C 91 -3.29 -74.29 6.86
N PHE C 93 -0.51 -74.45 3.85
CA PHE C 93 0.19 -75.67 3.42
C PHE C 93 0.85 -75.45 2.10
N PRO C 94 1.84 -76.25 1.78
CA PRO C 94 2.52 -76.07 0.52
C PRO C 94 1.92 -76.86 -0.64
N ILE C 95 2.17 -76.40 -1.84
CA ILE C 95 1.69 -77.06 -3.04
C ILE C 95 2.63 -76.79 -4.22
N SER C 96 2.52 -77.59 -5.27
CA SER C 96 3.24 -77.34 -6.49
C SER C 96 2.27 -77.10 -7.58
N ASP C 97 2.79 -76.58 -8.66
CA ASP C 97 1.99 -76.10 -9.78
C ASP C 97 1.02 -77.10 -10.39
N LYS C 98 1.41 -78.36 -10.46
CA LYS C 98 0.58 -79.36 -11.13
C LYS C 98 -0.70 -79.67 -10.35
N TYR C 99 -0.74 -79.28 -9.08
CA TYR C 99 -1.94 -79.47 -8.27
C TYR C 99 -2.90 -78.31 -8.29
N ILE C 100 -2.58 -77.27 -9.05
CA ILE C 100 -3.52 -76.18 -9.20
C ILE C 100 -4.51 -76.48 -10.32
N GLU C 101 -5.81 -76.31 -10.06
CA GLU C 101 -6.82 -76.59 -11.08
C GLU C 101 -7.11 -75.40 -11.95
N ARG C 102 -7.43 -74.26 -11.36
CA ARG C 102 -7.73 -73.08 -12.12
C ARG C 102 -7.87 -71.88 -11.19
N GLU C 103 -8.00 -70.73 -11.81
CA GLU C 103 -8.27 -69.49 -11.13
C GLU C 103 -9.68 -69.54 -10.57
N TYR C 104 -9.85 -68.94 -9.40
CA TYR C 104 -11.19 -68.78 -8.80
C TYR C 104 -11.68 -67.46 -9.31
N THR C 105 -12.91 -67.43 -9.83
CA THR C 105 -13.39 -66.29 -10.58
C THR C 105 -14.56 -65.58 -10.00
N ILE C 106 -14.67 -64.32 -10.37
CA ILE C 106 -15.85 -63.49 -10.16
C ILE C 106 -16.28 -62.98 -11.55
N ALA C 107 -17.45 -63.42 -12.01
CA ALA C 107 -17.97 -63.09 -13.34
C ALA C 107 -16.89 -63.25 -14.40
N GLY C 108 -16.18 -64.37 -14.37
CA GLY C 108 -15.15 -64.63 -15.39
C GLY C 108 -13.84 -63.88 -15.24
N ASN C 109 -13.72 -63.00 -14.25
CA ASN C 109 -12.42 -62.42 -13.94
C ASN C 109 -11.80 -63.21 -12.78
N HIS C 110 -10.50 -63.06 -12.64
CA HIS C 110 -9.78 -63.72 -11.57
C HIS C 110 -9.98 -62.99 -10.25
N LEU C 111 -10.62 -63.63 -9.27
CA LEU C 111 -10.72 -63.01 -7.93
C LEU C 111 -9.35 -62.98 -7.30
N ARG C 112 -8.96 -61.84 -6.77
CA ARG C 112 -7.68 -61.74 -6.09
C ARG C 112 -7.78 -60.69 -5.01
N LEU C 113 -6.82 -60.72 -4.10
CA LEU C 113 -6.83 -59.76 -3.02
C LEU C 113 -6.13 -58.49 -3.58
N THR C 114 -6.90 -57.61 -4.23
CA THR C 114 -6.34 -56.42 -4.88
C THR C 114 -5.88 -55.36 -3.87
N SER C 115 -6.53 -55.31 -2.71
CA SER C 115 -6.11 -54.36 -1.65
C SER C 115 -4.76 -54.75 -1.09
N GLU C 116 -3.73 -54.06 -1.54
CA GLU C 116 -2.36 -54.38 -1.09
C GLU C 116 -2.15 -54.32 0.40
N HIS C 117 -2.83 -53.43 1.11
CA HIS C 117 -2.59 -53.38 2.57
C HIS C 117 -3.09 -54.62 3.28
N ALA C 118 -4.14 -55.23 2.74
CA ALA C 118 -4.66 -56.47 3.37
C ALA C 118 -3.73 -57.61 3.05
N ALA C 119 -3.27 -57.66 1.80
CA ALA C 119 -2.35 -58.70 1.40
C ALA C 119 -1.09 -58.70 2.25
N LYS C 120 -0.59 -57.49 2.53
CA LYS C 120 0.62 -57.34 3.29
C LYS C 120 0.40 -57.82 4.71
N GLU C 121 -0.72 -57.46 5.30
CA GLU C 121 -0.98 -57.92 6.66
C GLU C 121 -1.11 -59.46 6.73
N ILE C 122 -1.73 -60.05 5.70
CA ILE C 122 -1.89 -61.48 5.68
C ILE C 122 -0.50 -62.16 5.46
N GLU C 123 0.30 -61.60 4.57
CA GLU C 123 1.62 -62.14 4.32
CA GLU C 123 1.65 -62.13 4.30
C GLU C 123 2.47 -62.14 5.61
N GLN C 124 2.40 -61.08 6.40
CA GLN C 124 3.15 -61.05 7.65
C GLN C 124 2.67 -62.08 8.63
N LYS C 125 1.37 -62.20 8.75
CA LYS C 125 0.81 -63.21 9.65
C LYS C 125 1.23 -64.62 9.24
N ALA C 126 1.29 -64.84 7.92
CA ALA C 126 1.60 -66.14 7.38
C ALA C 126 3.07 -66.52 7.59
N ARG C 127 3.96 -65.55 7.46
CA ARG C 127 5.39 -65.78 7.71
C ARG C 127 5.64 -66.12 9.15
N LYS C 128 4.94 -65.43 10.02
CA LYS C 128 5.00 -65.73 11.42
C LYS C 128 4.45 -67.13 11.72
N VAL C 129 3.24 -67.43 11.22
CA VAL C 129 2.62 -68.71 11.53
C VAL C 129 3.47 -69.85 11.00
N LEU C 130 3.98 -69.69 9.79
CA LEU C 130 4.79 -70.72 9.23
C LEU C 130 6.09 -70.90 10.04
N GLY C 131 6.69 -69.78 10.46
CA GLY C 131 7.91 -69.84 11.28
C GLY C 131 7.69 -70.65 12.54
N LEU C 133 5.20 -72.91 13.00
CA LEU C 133 4.88 -74.31 12.66
C LEU C 133 6.18 -75.11 12.41
N LYS C 134 7.10 -74.52 11.69
CA LYS C 134 8.38 -75.12 11.41
C LYS C 134 9.17 -75.46 12.67
N ARG C 135 8.88 -74.77 13.77
CA ARG C 135 9.54 -75.01 15.04
C ARG C 135 8.74 -75.85 15.95
N GLY C 136 7.71 -76.48 15.43
CA GLY C 136 6.96 -77.47 16.20
C GLY C 136 5.78 -76.93 16.96
N ILE C 137 5.44 -75.65 16.79
CA ILE C 137 4.28 -75.15 17.51
C ILE C 137 3.04 -75.85 16.98
N LYS C 138 2.12 -76.14 17.87
CA LYS C 138 0.82 -76.69 17.49
C LYS C 138 -0.26 -75.76 18.03
N PHE C 139 -1.02 -75.12 17.12
CA PHE C 139 -2.12 -74.26 17.51
C PHE C 139 -3.38 -75.03 17.85
N THR C 140 -3.59 -76.19 17.21
CA THR C 140 -4.72 -77.07 17.52
C THR C 140 -4.18 -78.43 17.69
N PRO C 141 -4.98 -79.33 18.27
CA PRO C 141 -4.56 -80.75 18.30
C PRO C 141 -4.78 -81.49 16.98
N THR C 142 -5.29 -80.78 15.97
CA THR C 142 -5.61 -81.40 14.65
C THR C 142 -4.97 -80.57 13.58
N GLN C 143 -3.67 -80.62 13.58
CA GLN C 143 -2.91 -79.80 12.71
C GLN C 143 -2.35 -80.59 11.53
N PRO C 144 -2.49 -80.08 10.30
CA PRO C 144 -1.93 -80.78 9.15
C PRO C 144 -0.46 -80.94 9.21
N ASP C 145 0.02 -82.06 8.69
CA ASP C 145 1.44 -82.38 8.68
C ASP C 145 2.05 -81.79 7.42
N ILE C 146 2.37 -80.51 7.51
CA ILE C 146 2.93 -79.81 6.35
C ILE C 146 4.35 -80.21 6.03
N GLN C 147 5.10 -80.67 7.04
CA GLN C 147 6.46 -81.15 6.80
C GLN C 147 6.42 -82.36 5.84
N LYS C 148 5.55 -83.29 6.11
CA LYS C 148 5.40 -84.45 5.27
C LYS C 148 5.03 -84.06 3.84
N ILE C 149 4.05 -83.17 3.69
CA ILE C 149 3.68 -82.64 2.38
C ILE C 149 4.86 -81.98 1.71
N TYR C 150 5.55 -81.12 2.45
CA TYR C 150 6.64 -80.34 1.88
C TYR C 150 7.72 -81.29 1.33
N GLU C 151 8.04 -82.34 2.08
CA GLU C 151 9.06 -83.34 1.61
C GLU C 151 8.57 -84.08 0.39
N ARG C 152 7.30 -84.48 0.39
CA ARG C 152 6.77 -85.15 -0.77
C ARG C 152 6.88 -84.28 -2.03
N LEU C 153 6.65 -82.98 -1.87
CA LEU C 153 6.73 -82.08 -3.03
C LEU C 153 8.15 -82.00 -3.59
N GLN C 154 9.15 -82.01 -2.73
CA GLN C 154 10.54 -82.04 -3.19
C GLN C 154 10.76 -83.31 -4.07
N GLN C 155 10.90 -83.18 -5.39
CA GLN C 155 10.52 -84.22 -6.31
C GLN C 155 10.79 -85.65 -5.84
N ILE E 2 -81.45 -48.93 1.32
CA ILE E 2 -80.72 -48.32 0.23
C ILE E 2 -79.40 -47.79 0.74
N ARG E 3 -78.35 -48.13 -0.01
CA ARG E 3 -76.97 -47.74 0.27
C ARG E 3 -76.84 -46.26 0.65
N ASN E 4 -76.08 -45.99 1.69
CA ASN E 4 -75.85 -44.66 2.25
C ASN E 4 -77.01 -44.08 3.07
N GLY E 5 -78.08 -44.85 3.27
CA GLY E 5 -79.14 -44.46 4.20
C GLY E 5 -78.87 -44.75 5.65
N PHE E 6 -79.51 -43.99 6.53
CA PHE E 6 -79.49 -44.28 7.93
C PHE E 6 -80.78 -45.02 8.34
N TYR E 7 -80.64 -45.92 9.31
CA TYR E 7 -81.72 -46.82 9.76
C TYR E 7 -81.67 -47.05 11.26
N ILE E 8 -82.85 -47.39 11.78
CA ILE E 8 -83.00 -47.88 13.14
C ILE E 8 -83.10 -49.39 13.05
N ILE E 9 -82.43 -50.04 13.97
CA ILE E 9 -82.39 -51.50 14.02
C ILE E 9 -83.23 -51.97 15.21
N LYS E 10 -83.97 -53.06 15.00
CA LYS E 10 -84.82 -53.66 16.06
C LYS E 10 -84.01 -54.11 17.25
N ASP E 11 -84.54 -53.86 18.46
CA ASP E 11 -83.88 -54.34 19.67
C ASP E 11 -83.72 -55.87 19.63
N ARG E 12 -84.63 -56.52 18.92
CA ARG E 12 -84.57 -57.97 18.73
C ARG E 12 -83.22 -58.45 18.20
N PHE E 13 -82.62 -57.67 17.30
CA PHE E 13 -81.28 -58.00 16.81
C PHE E 13 -80.33 -58.13 17.98
N PHE E 14 -80.32 -57.13 18.85
CA PHE E 14 -79.31 -57.06 19.91
C PHE E 14 -79.56 -58.11 21.00
N SER E 15 -80.83 -58.39 21.31
CA SER E 15 -81.15 -59.47 22.26
C SER E 15 -80.85 -60.85 21.63
N ASP E 16 -81.16 -61.06 20.35
CA ASP E 16 -80.75 -62.31 19.67
C ASP E 16 -79.22 -62.53 19.70
N SER E 18 -76.84 -60.90 21.55
CA SER E 18 -76.35 -60.90 22.90
C SER E 18 -74.84 -60.64 22.96
N ASP E 19 -74.40 -59.60 22.27
CA ASP E 19 -72.98 -59.30 22.24
C ASP E 19 -72.75 -58.06 23.05
N PRO E 20 -72.02 -58.20 24.15
CA PRO E 20 -71.82 -57.05 25.02
C PRO E 20 -70.96 -55.95 24.46
N TYR E 21 -70.33 -56.17 23.31
CA TYR E 21 -69.44 -55.15 22.78
C TYR E 21 -70.01 -54.36 21.61
N LEU E 22 -71.15 -54.79 21.05
CA LEU E 22 -71.83 -53.97 20.09
C LEU E 22 -72.24 -52.67 20.78
N LYS E 23 -72.24 -51.57 20.04
CA LYS E 23 -72.69 -50.29 20.60
C LYS E 23 -74.15 -50.39 20.95
N GLY E 24 -74.48 -50.05 22.19
CA GLY E 24 -75.88 -50.19 22.66
C GLY E 24 -76.88 -49.46 21.80
N ASN E 25 -77.95 -50.13 21.44
CA ASN E 25 -78.89 -49.45 20.55
C ASN E 25 -79.87 -48.44 21.19
N LYS E 26 -79.79 -48.26 22.53
CA LYS E 26 -80.54 -47.23 23.22
C LYS E 26 -82.03 -47.31 22.85
N LYS E 27 -82.57 -48.53 22.91
CA LYS E 27 -84.00 -48.75 22.79
C LYS E 27 -84.50 -48.19 21.48
N GLN E 28 -83.81 -48.57 20.42
CA GLN E 28 -84.17 -48.18 19.05
C GLN E 28 -84.07 -46.66 18.80
N ASN E 29 -83.10 -46.02 19.45
CA ASN E 29 -82.79 -44.63 19.04
C ASN E 29 -81.35 -44.34 18.49
N ARG E 30 -80.46 -45.33 18.40
CA ARG E 30 -79.15 -45.10 17.76
C ARG E 30 -79.27 -45.25 16.24
N PRO E 31 -79.02 -44.16 15.49
CA PRO E 31 -78.96 -44.34 14.06
C PRO E 31 -77.78 -45.24 13.62
N HIS E 32 -78.02 -46.08 12.62
CA HIS E 32 -76.98 -46.91 12.02
C HIS E 32 -76.91 -46.67 10.51
N TYR E 33 -75.70 -46.68 9.96
CA TYR E 33 -75.47 -46.40 8.53
C TYR E 33 -75.29 -47.69 7.71
N TYR E 34 -76.01 -47.82 6.61
CA TYR E 34 -75.89 -48.97 5.76
C TYR E 34 -74.80 -48.71 4.75
N CYS E 35 -73.65 -49.36 4.95
CA CYS E 35 -72.49 -49.14 4.14
C CYS E 35 -72.43 -49.91 2.82
N PHE E 36 -72.50 -51.24 2.88
CA PHE E 36 -72.53 -52.06 1.64
C PHE E 36 -73.03 -53.47 1.90
N GLU E 37 -73.53 -54.11 0.85
CA GLU E 37 -73.98 -55.47 0.94
C GLU E 37 -72.77 -56.38 1.03
N ASP E 38 -72.90 -57.50 1.75
CA ASP E 38 -71.84 -58.49 1.82
C ASP E 38 -71.60 -59.10 0.44
N SER E 39 -70.33 -59.29 0.07
CA SER E 39 -69.94 -59.88 -1.25
C SER E 39 -70.33 -61.35 -1.41
N ASN E 40 -70.23 -62.12 -0.32
CA ASN E 40 -70.43 -63.58 -0.35
C ASN E 40 -71.89 -64.04 -0.20
N TYR E 41 -72.71 -63.34 0.59
CA TYR E 41 -74.13 -63.72 0.76
C TYR E 41 -75.03 -62.53 0.56
N ASN E 42 -75.93 -62.65 -0.40
CA ASN E 42 -76.97 -61.65 -0.57
C ASN E 42 -77.89 -61.68 0.67
N GLY E 43 -78.40 -60.52 1.05
CA GLY E 43 -79.28 -60.41 2.21
C GLY E 43 -78.53 -60.22 3.51
N ILE E 44 -77.21 -60.10 3.45
CA ILE E 44 -76.44 -59.69 4.60
C ILE E 44 -75.83 -58.32 4.29
N TYR E 45 -76.00 -57.39 5.24
CA TYR E 45 -75.67 -55.99 5.02
C TYR E 45 -74.77 -55.53 6.10
N TRP E 46 -73.78 -54.70 5.76
CA TRP E 46 -72.84 -54.19 6.74
C TRP E 46 -73.26 -52.82 7.22
N ILE E 48 -72.88 -49.53 10.16
CA ILE E 48 -71.97 -48.81 11.04
C ILE E 48 -72.74 -47.97 12.06
N PRO E 49 -72.45 -48.13 13.33
CA PRO E 49 -73.21 -47.37 14.36
C PRO E 49 -72.67 -45.98 14.51
N LEU E 50 -73.53 -45.00 14.79
CA LEU E 50 -73.05 -43.65 15.02
C LEU E 50 -73.09 -43.23 16.48
N SER E 51 -72.26 -42.27 16.85
CA SER E 51 -72.26 -41.67 18.17
C SER E 51 -72.08 -40.17 18.03
N SER E 52 -72.70 -39.40 18.93
CA SER E 52 -72.56 -37.96 18.93
C SER E 52 -71.52 -37.49 19.95
N ARG E 53 -70.74 -38.40 20.53
CA ARG E 53 -69.72 -38.02 21.50
C ARG E 53 -68.45 -37.59 20.77
N ILE E 54 -68.52 -36.43 20.12
CA ILE E 54 -67.48 -35.98 19.24
C ILE E 54 -66.18 -35.69 19.97
N ASP E 55 -66.26 -35.10 21.15
CA ASP E 55 -65.07 -34.82 21.98
C ASP E 55 -64.30 -36.13 22.20
N LYS E 56 -65.00 -37.21 22.53
CA LYS E 56 -64.33 -38.50 22.78
C LYS E 56 -63.71 -39.03 21.50
N TYR E 57 -64.49 -39.04 20.42
CA TYR E 57 -64.03 -39.71 19.19
C TYR E 57 -63.00 -38.91 18.41
N LYS E 58 -63.01 -37.59 18.52
CA LYS E 58 -61.95 -36.75 17.98
C LYS E 58 -60.59 -37.09 18.57
N LYS E 59 -60.53 -37.30 19.87
CA LYS E 59 -59.25 -37.70 20.49
C LYS E 59 -58.70 -39.02 19.93
N ILE E 60 -59.60 -39.94 19.61
CA ILE E 60 -59.17 -41.21 19.09
C ILE E 60 -58.64 -41.03 17.68
N VAL E 61 -59.33 -40.24 16.88
CA VAL E 61 -58.86 -39.87 15.54
C VAL E 61 -57.47 -39.24 15.59
N SER E 62 -57.30 -38.27 16.48
CA SER E 62 -56.02 -37.54 16.60
C SER E 62 -54.83 -38.41 17.09
N LYS E 63 -55.10 -39.54 17.76
CA LYS E 63 -54.04 -40.53 18.02
C LYS E 63 -53.30 -40.94 16.75
N ARG E 64 -54.04 -41.11 15.65
CA ARG E 64 -53.40 -41.48 14.40
C ARG E 64 -52.98 -40.28 13.58
N THR E 65 -53.89 -39.30 13.50
CA THR E 65 -53.62 -38.08 12.70
C THR E 65 -52.40 -37.33 13.22
N GLY E 66 -52.19 -37.32 14.55
CA GLY E 66 -51.04 -36.67 15.16
C GLY E 66 -49.70 -37.35 14.86
N LYS E 67 -49.76 -38.62 14.44
CA LYS E 67 -48.60 -39.35 13.86
C LYS E 67 -48.62 -39.39 12.32
N GLY E 68 -49.29 -38.44 11.68
CA GLY E 68 -49.32 -38.39 10.22
C GLY E 68 -50.05 -39.52 9.50
N ARG E 69 -50.91 -40.25 10.21
CA ARG E 69 -51.66 -41.37 9.58
C ARG E 69 -53.15 -41.08 9.52
N ASN E 70 -53.83 -41.70 8.55
CA ASN E 70 -55.30 -41.67 8.49
C ASN E 70 -55.91 -42.52 9.59
N CYS E 71 -57.07 -42.08 10.10
CA CYS E 71 -57.85 -42.91 11.00
C CYS E 71 -58.94 -43.56 10.20
N ASP E 72 -58.91 -44.88 10.10
CA ASP E 72 -59.96 -45.62 9.41
C ASP E 72 -61.04 -46.13 10.31
N ILE E 73 -60.75 -46.26 11.59
CA ILE E 73 -61.70 -46.91 12.52
C ILE E 73 -62.81 -45.95 12.97
N ILE E 74 -62.55 -44.65 12.86
CA ILE E 74 -63.51 -43.62 13.18
C ILE E 74 -63.43 -42.53 12.14
N HIS E 75 -64.59 -42.11 11.68
CA HIS E 75 -64.69 -41.00 10.75
C HIS E 75 -65.82 -40.06 11.21
N ILE E 76 -65.48 -38.78 11.29
CA ILE E 76 -66.40 -37.79 11.79
C ILE E 76 -66.77 -36.91 10.64
N VAL E 77 -68.06 -36.73 10.45
CA VAL E 77 -68.54 -35.85 9.42
C VAL E 77 -69.89 -35.22 9.80
N LYS E 78 -70.13 -34.03 9.27
CA LYS E 78 -71.38 -33.31 9.47
C LYS E 78 -72.43 -33.92 8.56
N LEU E 79 -73.53 -34.39 9.14
CA LEU E 79 -74.62 -34.96 8.35
C LEU E 79 -75.58 -33.85 7.87
N ASP E 80 -76.58 -34.23 7.07
CA ASP E 80 -77.48 -33.29 6.50
C ASP E 80 -78.42 -32.65 7.55
N ASP E 81 -78.37 -33.10 8.81
CA ASP E 81 -79.02 -32.38 9.90
C ASP E 81 -78.12 -31.29 10.45
N SER E 82 -76.97 -31.09 9.80
CA SER E 82 -76.03 -30.02 10.11
C SER E 82 -75.29 -30.19 11.41
N HIS E 83 -75.31 -31.41 11.97
CA HIS E 83 -74.49 -31.73 13.11
C HIS E 83 -73.48 -32.83 12.82
N GLU E 84 -72.38 -32.77 13.56
CA GLU E 84 -71.28 -33.74 13.43
C GLU E 84 -71.61 -35.08 14.06
N SER E 85 -71.28 -36.15 13.36
CA SER E 85 -71.52 -37.48 13.84
C SER E 85 -70.24 -38.30 13.68
N ALA E 86 -69.95 -39.12 14.70
CA ALA E 86 -68.87 -40.13 14.58
C ALA E 86 -69.41 -41.46 14.06
N PHE E 87 -68.81 -41.92 12.96
CA PHE E 87 -69.08 -43.22 12.40
C PHE E 87 -68.07 -44.18 13.07
N LEU E 88 -68.55 -45.11 13.90
CA LEU E 88 -67.65 -46.01 14.62
C LEU E 88 -67.44 -47.25 13.74
N ILE E 89 -66.61 -47.06 12.73
CA ILE E 89 -66.39 -48.08 11.71
C ILE E 89 -65.76 -49.33 12.38
N GLN E 90 -64.91 -49.08 13.37
CA GLN E 90 -64.41 -50.12 14.28
C GLN E 90 -65.45 -51.14 14.71
N ASP E 91 -66.70 -50.69 14.87
CA ASP E 91 -67.75 -51.51 15.51
C ASP E 91 -68.76 -51.92 14.52
N PHE E 93 -70.83 -54.11 11.76
CA PHE E 93 -71.34 -55.46 11.94
C PHE E 93 -72.34 -55.82 10.89
N PRO E 94 -72.63 -57.10 10.75
CA PRO E 94 -73.57 -57.52 9.72
C PRO E 94 -74.98 -57.71 10.23
N ILE E 95 -75.93 -57.64 9.32
CA ILE E 95 -77.32 -57.74 9.66
C ILE E 95 -78.11 -58.25 8.47
N SER E 96 -79.33 -58.71 8.72
CA SER E 96 -80.23 -59.10 7.63
C SER E 96 -81.48 -58.26 7.72
N ASP E 97 -82.26 -58.34 6.65
CA ASP E 97 -83.39 -57.45 6.40
C ASP E 97 -84.45 -57.47 7.49
N LYS E 98 -84.72 -58.63 8.06
CA LYS E 98 -85.78 -58.74 9.03
C LYS E 98 -85.47 -58.03 10.35
N TYR E 99 -84.20 -57.69 10.58
CA TYR E 99 -83.83 -56.94 11.81
C TYR E 99 -83.89 -55.40 11.64
N ILE E 100 -84.20 -54.91 10.44
CA ILE E 100 -84.29 -53.47 10.21
C ILE E 100 -85.69 -52.99 10.63
N GLU E 101 -85.76 -51.96 11.48
CA GLU E 101 -87.09 -51.48 11.98
C GLU E 101 -87.65 -50.46 11.01
N ARG E 102 -86.88 -49.46 10.63
CA ARG E 102 -87.39 -48.37 9.79
C ARG E 102 -86.25 -47.39 9.40
N GLU E 103 -86.57 -46.51 8.46
CA GLU E 103 -85.70 -45.41 8.05
C GLU E 103 -85.54 -44.45 9.22
N TYR E 104 -84.33 -43.92 9.39
CA TYR E 104 -84.08 -42.83 10.36
C TYR E 104 -84.41 -41.57 9.60
N THR E 105 -85.23 -40.69 10.19
CA THR E 105 -85.82 -39.57 9.46
C THR E 105 -85.38 -38.20 9.98
N ILE E 106 -85.47 -37.25 9.09
CA ILE E 106 -85.38 -35.85 9.43
C ILE E 106 -86.67 -35.21 8.86
N ALA E 107 -87.52 -34.72 9.77
CA ALA E 107 -88.82 -34.14 9.38
C ALA E 107 -89.52 -35.01 8.38
N GLY E 108 -89.56 -36.31 8.65
CA GLY E 108 -90.32 -37.21 7.78
C GLY E 108 -89.66 -37.59 6.48
N ASN E 109 -88.48 -37.06 6.20
CA ASN E 109 -87.69 -37.55 5.06
C ASN E 109 -86.61 -38.49 5.57
N HIS E 110 -86.10 -39.31 4.67
CA HIS E 110 -85.08 -40.29 5.03
C HIS E 110 -83.71 -39.65 5.15
N LEU E 111 -83.13 -39.65 6.34
CA LEU E 111 -81.79 -39.10 6.48
C LEU E 111 -80.85 -40.04 5.78
N ARG E 112 -79.97 -39.47 4.96
CA ARG E 112 -78.95 -40.29 4.30
C ARG E 112 -77.71 -39.45 4.02
N LEU E 113 -76.62 -40.13 3.66
CA LEU E 113 -75.37 -39.44 3.44
C LEU E 113 -75.33 -39.04 1.98
N THR E 114 -75.90 -37.85 1.67
CA THR E 114 -76.07 -37.41 0.25
C THR E 114 -74.77 -36.93 -0.36
N SER E 115 -73.84 -36.43 0.48
CA SER E 115 -72.52 -36.03 0.00
C SER E 115 -71.69 -37.25 -0.44
N GLU E 116 -71.65 -37.50 -1.75
CA GLU E 116 -70.99 -38.68 -2.24
C GLU E 116 -69.54 -38.78 -1.85
N HIS E 117 -68.82 -37.68 -1.77
CA HIS E 117 -67.42 -37.80 -1.46
C HIS E 117 -67.23 -38.34 -0.05
N ALA E 118 -68.17 -38.06 0.85
CA ALA E 118 -68.03 -38.54 2.23
C ALA E 118 -68.38 -40.01 2.25
N ALA E 119 -69.45 -40.39 1.55
CA ALA E 119 -69.85 -41.80 1.47
C ALA E 119 -68.72 -42.67 0.94
N LYS E 120 -68.04 -42.16 -0.08
CA LYS E 120 -66.95 -42.89 -0.69
C LYS E 120 -65.79 -43.07 0.27
N GLU E 121 -65.45 -42.03 1.02
CA GLU E 121 -64.38 -42.14 1.96
C GLU E 121 -64.70 -43.13 3.07
N ILE E 122 -65.94 -43.13 3.50
CA ILE E 122 -66.37 -44.02 4.55
C ILE E 122 -66.40 -45.46 4.03
N GLU E 123 -66.89 -45.68 2.81
CA GLU E 123 -66.89 -47.01 2.23
CA GLU E 123 -66.90 -47.03 2.21
C GLU E 123 -65.45 -47.57 2.16
N GLN E 124 -64.48 -46.73 1.82
CA GLN E 124 -63.09 -47.22 1.72
C GLN E 124 -62.54 -47.57 3.08
N LYS E 125 -62.82 -46.72 4.06
CA LYS E 125 -62.41 -46.99 5.41
C LYS E 125 -63.03 -48.30 5.95
N ALA E 126 -64.27 -48.55 5.58
CA ALA E 126 -64.97 -49.70 6.02
C ALA E 126 -64.41 -50.99 5.43
N ARG E 127 -64.04 -50.95 4.18
CA ARG E 127 -63.54 -52.12 3.49
C ARG E 127 -62.22 -52.49 4.12
N LYS E 128 -61.45 -51.48 4.46
CA LYS E 128 -60.20 -51.70 5.11
C LYS E 128 -60.37 -52.26 6.51
N VAL E 129 -61.25 -51.64 7.29
CA VAL E 129 -61.47 -52.10 8.64
C VAL E 129 -62.02 -53.53 8.65
N LEU E 130 -62.98 -53.80 7.81
CA LEU E 130 -63.53 -55.16 7.74
C LEU E 130 -62.45 -56.19 7.32
N GLY E 131 -61.58 -55.79 6.41
CA GLY E 131 -60.53 -56.67 5.96
C GLY E 131 -59.65 -57.04 7.13
N LEU E 133 -60.39 -56.81 10.40
CA LEU E 133 -61.15 -57.58 11.38
C LEU E 133 -61.21 -59.07 10.99
N LYS E 134 -61.46 -59.34 9.72
CA LYS E 134 -61.49 -60.71 9.21
C LYS E 134 -60.14 -61.44 9.35
N ARG E 135 -59.05 -60.69 9.48
CA ARG E 135 -57.71 -61.25 9.66
C ARG E 135 -57.30 -61.26 11.11
N GLY E 136 -58.25 -61.01 12.01
CA GLY E 136 -58.00 -61.15 13.44
C GLY E 136 -57.49 -59.92 14.13
N ILE E 137 -57.45 -58.77 13.43
CA ILE E 137 -56.99 -57.56 14.12
C ILE E 137 -58.02 -57.15 15.17
N LYS E 138 -57.53 -56.62 16.28
CA LYS E 138 -58.37 -56.15 17.39
C LYS E 138 -57.95 -54.76 17.74
N PHE E 139 -58.85 -53.81 17.46
CA PHE E 139 -58.54 -52.40 17.67
C PHE E 139 -58.77 -52.02 19.11
N THR E 140 -59.73 -52.68 19.75
CA THR E 140 -59.97 -52.49 21.18
C THR E 140 -59.98 -53.87 21.82
N PRO E 141 -59.81 -53.91 23.13
CA PRO E 141 -60.00 -55.18 23.82
C PRO E 141 -61.45 -55.59 23.95
N THR E 142 -62.37 -54.77 23.46
CA THR E 142 -63.81 -55.01 23.63
C THR E 142 -64.46 -54.96 22.29
N GLN E 143 -64.14 -55.94 21.48
CA GLN E 143 -64.53 -55.92 20.12
C GLN E 143 -65.66 -56.89 19.84
N PRO E 144 -66.72 -56.44 19.15
CA PRO E 144 -67.81 -57.35 18.86
C PRO E 144 -67.37 -58.55 18.05
N ASP E 145 -68.01 -59.68 18.31
CA ASP E 145 -67.73 -60.92 17.60
C ASP E 145 -68.58 -61.00 16.35
N ILE E 146 -68.13 -60.31 15.32
CA ILE E 146 -68.91 -60.24 14.08
C ILE E 146 -68.93 -61.55 13.31
N GLN E 147 -67.89 -62.37 13.48
CA GLN E 147 -67.87 -63.71 12.87
C GLN E 147 -69.05 -64.53 13.38
N LYS E 148 -69.25 -64.51 14.67
CA LYS E 148 -70.37 -65.25 15.26
C LYS E 148 -71.71 -64.75 14.71
N ILE E 149 -71.89 -63.43 14.68
CA ILE E 149 -73.11 -62.85 14.11
C ILE E 149 -73.27 -63.24 12.64
N TYR E 150 -72.19 -63.13 11.87
CA TYR E 150 -72.23 -63.43 10.44
C TYR E 150 -72.70 -64.87 10.20
N GLU E 151 -72.15 -65.80 10.98
CA GLU E 151 -72.56 -67.21 10.85
C GLU E 151 -74.01 -67.40 11.23
N ARG E 152 -74.45 -66.79 12.32
CA ARG E 152 -75.85 -66.90 12.71
C ARG E 152 -76.77 -66.43 11.60
N LEU E 153 -76.38 -65.34 10.91
CA LEU E 153 -77.22 -64.80 9.84
C LEU E 153 -77.34 -65.78 8.67
N GLN E 154 -76.28 -66.50 8.37
CA GLN E 154 -76.32 -67.54 7.32
C GLN E 154 -77.45 -68.58 7.57
N GLN E 155 -77.91 -68.67 8.83
CA GLN E 155 -79.25 -69.11 9.27
C GLN E 155 -79.19 -69.92 10.60
N ILE G 2 23.68 -31.35 3.07
CA ILE G 2 23.06 -32.63 2.97
C ILE G 2 21.67 -32.57 3.58
N ARG G 3 20.73 -33.07 2.79
CA ARG G 3 19.32 -33.11 3.14
C ARG G 3 19.12 -33.57 4.59
N ASN G 4 18.21 -32.89 5.29
CA ASN G 4 17.86 -33.14 6.69
C ASN G 4 18.90 -32.64 7.71
N GLY G 5 19.97 -31.99 7.26
CA GLY G 5 20.92 -31.37 8.16
C GLY G 5 20.49 -29.98 8.62
N PHE G 6 21.02 -29.58 9.77
CA PHE G 6 20.90 -28.21 10.24
C PHE G 6 22.16 -27.38 9.91
N TYR G 7 21.96 -26.12 9.61
CA TYR G 7 23.02 -25.20 9.16
C TYR G 7 22.81 -23.79 9.71
N ILE G 8 23.93 -23.05 9.77
CA ILE G 8 23.96 -21.63 10.05
C ILE G 8 24.15 -20.95 8.72
N ILE G 9 23.43 -19.86 8.53
CA ILE G 9 23.43 -19.10 7.32
C ILE G 9 24.16 -17.79 7.59
N LYS G 10 24.95 -17.36 6.61
CA LYS G 10 25.70 -16.09 6.71
C LYS G 10 24.78 -14.91 6.87
N ASP G 11 25.15 -13.97 7.72
CA ASP G 11 24.39 -12.68 7.85
C ASP G 11 24.29 -11.93 6.52
N ARG G 12 25.29 -12.12 5.70
CA ARG G 12 25.30 -11.55 4.37
C ARG G 12 24.04 -11.89 3.55
N PHE G 13 23.52 -13.10 3.69
CA PHE G 13 22.24 -13.44 3.07
C PHE G 13 21.14 -12.48 3.49
N PHE G 14 21.05 -12.23 4.78
CA PHE G 14 19.95 -11.41 5.30
C PHE G 14 20.11 -9.92 4.96
N SER G 15 21.34 -9.44 4.97
CA SER G 15 21.60 -8.03 4.59
C SER G 15 21.41 -7.88 3.08
N ASP G 16 21.87 -8.84 2.26
CA ASP G 16 21.54 -8.79 0.83
C ASP G 16 20.03 -8.73 0.57
N SER G 18 17.45 -8.20 2.66
CA SER G 18 16.80 -7.10 3.30
C SER G 18 15.28 -7.29 3.39
N ASP G 19 14.87 -8.42 3.91
CA ASP G 19 13.42 -8.72 4.01
C ASP G 19 13.05 -8.67 5.49
N PRO G 20 12.22 -7.73 5.88
CA PRO G 20 11.94 -7.54 7.29
C PRO G 20 11.10 -8.66 7.87
N TYR G 21 10.62 -9.60 7.07
CA TYR G 21 9.76 -10.62 7.61
C TYR G 21 10.42 -11.97 7.76
N LEU G 22 11.63 -12.14 7.18
CA LEU G 22 12.38 -13.38 7.44
C LEU G 22 12.63 -13.44 8.93
N LYS G 23 12.66 -14.66 9.48
CA LYS G 23 13.04 -14.81 10.88
C LYS G 23 14.48 -14.34 11.10
N GLY G 24 14.67 -13.45 12.07
CA GLY G 24 15.99 -12.86 12.30
C GLY G 24 17.06 -13.89 12.57
N ASN G 25 18.23 -13.69 11.97
CA ASN G 25 19.29 -14.72 12.03
C ASN G 25 20.06 -14.69 13.35
N LYS G 26 19.84 -13.65 14.17
CA LYS G 26 20.50 -13.54 15.49
C LYS G 26 22.03 -13.67 15.40
N LYS G 27 22.60 -12.98 14.41
CA LYS G 27 24.04 -12.88 14.26
C LYS G 27 24.63 -14.24 14.10
N GLN G 28 24.02 -15.02 13.21
CA GLN G 28 24.53 -16.35 12.85
C GLN G 28 24.40 -17.35 13.93
N ASN G 29 23.30 -17.24 14.67
CA ASN G 29 23.00 -18.27 15.69
C ASN G 29 21.70 -19.05 15.52
N ARG G 30 20.86 -18.67 14.58
CA ARG G 30 19.61 -19.45 14.39
C ARG G 30 19.86 -20.65 13.53
N PRO G 31 19.53 -21.86 14.04
CA PRO G 31 19.68 -22.98 13.19
C PRO G 31 18.61 -22.98 12.09
N HIS G 32 18.99 -23.44 10.88
CA HIS G 32 18.05 -23.56 9.78
C HIS G 32 18.12 -24.99 9.25
N TYR G 33 16.98 -25.53 8.88
CA TYR G 33 16.90 -26.90 8.37
C TYR G 33 16.86 -26.93 6.84
N TYR G 34 17.69 -27.75 6.25
CA TYR G 34 17.73 -27.90 4.80
C TYR G 34 16.73 -28.97 4.42
N CYS G 35 15.63 -28.54 3.86
CA CYS G 35 14.53 -29.45 3.53
C CYS G 35 14.68 -30.16 2.16
N PHE G 36 14.80 -29.41 1.08
CA PHE G 36 14.98 -30.05 -0.26
C PHE G 36 15.54 -29.05 -1.26
N GLU G 37 16.18 -29.57 -2.29
CA GLU G 37 16.59 -28.76 -3.41
C GLU G 37 15.40 -28.32 -4.27
N ASP G 38 15.50 -27.14 -4.85
CA ASP G 38 14.46 -26.64 -5.74
C ASP G 38 14.39 -27.53 -7.01
N SER G 39 13.17 -27.84 -7.46
CA SER G 39 12.93 -28.67 -8.67
C SER G 39 13.36 -28.03 -9.99
N ASN G 40 13.20 -26.70 -10.08
CA ASN G 40 13.44 -25.96 -11.31
C ASN G 40 14.88 -25.45 -11.53
N TYR G 41 15.59 -25.10 -10.46
CA TYR G 41 16.99 -24.66 -10.58
C TYR G 41 17.89 -25.37 -9.58
N ASN G 42 18.89 -26.07 -10.09
CA ASN G 42 19.91 -26.66 -9.24
C ASN G 42 20.69 -25.53 -8.57
N GLY G 43 21.13 -25.77 -7.35
CA GLY G 43 21.87 -24.74 -6.61
C GLY G 43 20.97 -23.77 -5.84
N ILE G 44 19.65 -23.99 -5.87
CA ILE G 44 18.74 -23.29 -4.98
C ILE G 44 18.12 -24.32 -4.01
N TYR G 45 18.21 -24.00 -2.70
CA TYR G 45 17.87 -24.93 -1.65
C TYR G 45 16.84 -24.29 -0.73
N TRP G 46 15.87 -25.09 -0.31
CA TRP G 46 14.81 -24.58 0.50
C TRP G 46 15.14 -24.84 1.97
N ILE G 48 14.30 -24.07 6.28
CA ILE G 48 13.25 -23.77 7.28
C ILE G 48 13.89 -23.30 8.59
N PRO G 49 13.55 -22.11 9.03
CA PRO G 49 14.13 -21.62 10.26
C PRO G 49 13.51 -22.29 11.47
N LEU G 50 14.28 -22.44 12.54
CA LEU G 50 13.72 -22.97 13.79
C LEU G 50 13.62 -21.94 14.89
N SER G 51 12.70 -22.22 15.82
CA SER G 51 12.54 -21.47 17.02
C SER G 51 12.40 -22.39 18.20
N SER G 52 12.86 -21.95 19.34
CA SER G 52 12.69 -22.67 20.56
C SER G 52 11.61 -22.08 21.45
N ARG G 53 10.80 -21.19 20.94
CA ARG G 53 9.65 -20.68 21.66
C ARG G 53 8.42 -21.60 21.56
N ILE G 54 8.50 -22.74 22.23
CA ILE G 54 7.54 -23.80 22.05
C ILE G 54 6.15 -23.39 22.56
N ASP G 55 6.12 -22.68 23.68
CA ASP G 55 4.88 -22.16 24.25
C ASP G 55 4.14 -21.36 23.19
N LYS G 56 4.83 -20.48 22.49
CA LYS G 56 4.18 -19.64 21.50
C LYS G 56 3.70 -20.49 20.30
N TYR G 57 4.56 -21.37 19.78
CA TYR G 57 4.23 -22.07 18.55
C TYR G 57 3.24 -23.18 18.74
N LYS G 58 3.18 -23.76 19.94
CA LYS G 58 2.15 -24.77 20.30
C LYS G 58 0.77 -24.16 20.17
N LYS G 59 0.62 -22.96 20.64
CA LYS G 59 -0.71 -22.27 20.52
C LYS G 59 -1.14 -22.08 19.07
N ILE G 60 -0.17 -21.82 18.20
CA ILE G 60 -0.51 -21.63 16.79
C ILE G 60 -0.93 -22.96 16.14
N VAL G 61 -0.20 -24.05 16.44
CA VAL G 61 -0.57 -25.35 16.06
C VAL G 61 -2.02 -25.68 16.48
N SER G 62 -2.33 -25.44 17.75
CA SER G 62 -3.63 -25.75 18.29
C SER G 62 -4.81 -24.98 17.67
N LYS G 63 -4.55 -23.83 17.08
CA LYS G 63 -5.57 -23.11 16.32
C LYS G 63 -6.16 -23.98 15.21
N ARG G 64 -5.33 -24.77 14.55
CA ARG G 64 -5.85 -25.66 13.56
C ARG G 64 -6.28 -26.99 14.09
N THR G 65 -5.40 -27.53 14.93
CA THR G 65 -5.61 -28.82 15.51
C THR G 65 -6.96 -28.91 16.30
N GLY G 66 -7.26 -27.86 17.04
CA GLY G 66 -8.46 -27.81 17.85
C GLY G 66 -9.74 -27.79 17.01
N LYS G 67 -9.61 -27.43 15.72
CA LYS G 67 -10.71 -27.54 14.73
C LYS G 67 -10.61 -28.79 13.86
N GLY G 68 -9.89 -29.80 14.32
CA GLY G 68 -9.74 -31.00 13.54
C GLY G 68 -8.94 -30.92 12.22
N ARG G 69 -8.10 -29.89 12.07
CA ARG G 69 -7.22 -29.79 10.90
C ARG G 69 -5.76 -29.98 11.24
N ASN G 70 -4.97 -30.46 10.29
CA ASN G 70 -3.52 -30.52 10.44
C ASN G 70 -2.91 -29.12 10.39
N CYS G 71 -1.84 -28.88 11.18
CA CYS G 71 -1.05 -27.67 11.05
C CYS G 71 0.15 -27.97 10.19
N ASP G 72 0.19 -27.41 8.99
CA ASP G 72 1.29 -27.60 8.09
C ASP G 72 2.32 -26.48 8.23
N ILE G 73 1.90 -25.33 8.77
CA ILE G 73 2.78 -24.16 8.77
C ILE G 73 3.82 -24.18 9.94
N ILE G 74 3.56 -25.02 10.95
CA ILE G 74 4.47 -25.22 12.08
C ILE G 74 4.41 -26.67 12.47
N HIS G 75 5.58 -27.24 12.71
CA HIS G 75 5.72 -28.59 13.16
C HIS G 75 6.78 -28.60 14.31
N ILE G 76 6.41 -29.20 15.43
CA ILE G 76 7.22 -29.23 16.60
C ILE G 76 7.69 -30.67 16.79
N VAL G 77 9.01 -30.84 16.89
CA VAL G 77 9.55 -32.14 17.17
C VAL G 77 10.80 -32.09 18.03
N LYS G 78 11.02 -33.14 18.80
CA LYS G 78 12.21 -33.26 19.66
C LYS G 78 13.40 -33.65 18.79
N LEU G 79 14.46 -32.84 18.77
CA LEU G 79 15.63 -33.11 18.01
C LEU G 79 16.57 -34.05 18.77
N ASP G 80 17.67 -34.44 18.14
CA ASP G 80 18.59 -35.37 18.72
C ASP G 80 19.37 -34.77 19.93
N ASP G 81 19.23 -33.49 20.16
CA ASP G 81 19.72 -32.89 21.39
C ASP G 81 18.76 -33.11 22.54
N SER G 82 17.66 -33.83 22.26
CA SER G 82 16.62 -34.16 23.23
C SER G 82 15.76 -32.99 23.66
N HIS G 83 15.80 -31.88 22.92
CA HIS G 83 14.87 -30.80 23.19
C HIS G 83 13.93 -30.60 21.98
N GLU G 84 12.75 -30.05 22.29
CA GLU G 84 11.76 -29.68 21.30
C GLU G 84 12.13 -28.43 20.51
N SER G 85 11.89 -28.48 19.21
CA SER G 85 12.11 -27.36 18.32
C SER G 85 10.92 -27.15 17.40
N ALA G 86 10.55 -25.90 17.19
CA ALA G 86 9.55 -25.52 16.23
C ALA G 86 10.17 -25.25 14.86
N PHE G 87 9.65 -25.92 13.85
CA PHE G 87 10.02 -25.70 12.47
C PHE G 87 9.00 -24.71 11.89
N LEU G 88 9.44 -23.49 11.58
CA LEU G 88 8.52 -22.47 11.12
C LEU G 88 8.39 -22.56 9.61
N ILE G 89 7.64 -23.56 9.18
CA ILE G 89 7.58 -23.93 7.78
C ILE G 89 6.97 -22.76 7.00
N GLN G 90 6.02 -22.13 7.62
CA GLN G 90 5.46 -20.86 7.15
C GLN G 90 6.49 -19.88 6.62
N ASP G 91 7.67 -19.86 7.22
CA ASP G 91 8.70 -18.83 6.92
C ASP G 91 9.83 -19.41 6.13
N PHE G 93 12.24 -20.45 3.02
CA PHE G 93 12.79 -19.56 2.01
C PHE G 93 13.96 -20.18 1.29
N PRO G 94 14.31 -19.61 0.11
CA PRO G 94 15.34 -20.26 -0.71
C PRO G 94 16.67 -19.64 -0.50
N ILE G 95 17.70 -20.41 -0.78
CA ILE G 95 19.04 -19.93 -0.63
C ILE G 95 19.95 -20.60 -1.68
N SER G 96 21.13 -20.06 -1.86
CA SER G 96 22.20 -20.72 -2.64
C SER G 96 23.41 -21.00 -1.78
N ASP G 97 24.29 -21.84 -2.31
CA ASP G 97 25.40 -22.42 -1.58
C ASP G 97 26.34 -21.42 -0.95
N LYS G 98 26.57 -20.31 -1.63
CA LYS G 98 27.55 -19.35 -1.14
C LYS G 98 27.09 -18.62 0.14
N TYR G 99 25.78 -18.69 0.44
CA TYR G 99 25.26 -18.09 1.66
C TYR G 99 25.27 -19.04 2.89
N ILE G 100 25.68 -20.28 2.72
CA ILE G 100 25.77 -21.20 3.80
C ILE G 100 27.09 -21.00 4.59
N GLU G 101 27.03 -20.82 5.91
CA GLU G 101 28.25 -20.60 6.69
C GLU G 101 28.88 -21.90 7.12
N ARG G 102 28.13 -22.76 7.77
CA ARG G 102 28.65 -23.99 8.32
C ARG G 102 27.53 -24.88 8.83
N GLU G 103 27.91 -26.09 9.21
CA GLU G 103 27.06 -27.03 9.88
C GLU G 103 26.75 -26.57 11.27
N TYR G 104 25.53 -26.82 11.74
CA TYR G 104 25.16 -26.57 13.11
C TYR G 104 25.50 -27.82 13.83
N THR G 105 26.16 -27.68 14.98
CA THR G 105 26.71 -28.86 15.66
C THR G 105 26.18 -29.17 17.03
N ILE G 106 26.37 -30.44 17.41
CA ILE G 106 26.20 -30.89 18.77
C ILE G 106 27.54 -31.61 19.17
N ALA G 107 28.27 -31.02 20.14
CA ALA G 107 29.57 -31.52 20.57
C ALA G 107 30.45 -31.85 19.38
N GLY G 108 30.52 -30.95 18.43
CA GLY G 108 31.36 -31.16 17.26
C GLY G 108 30.91 -32.16 16.20
N ASN G 109 29.75 -32.79 16.38
CA ASN G 109 29.09 -33.53 15.29
C ASN G 109 28.01 -32.71 14.66
N HIS G 110 27.59 -33.12 13.45
CA HIS G 110 26.61 -32.34 12.71
C HIS G 110 25.24 -32.69 13.24
N LEU G 111 24.53 -31.72 13.82
CA LEU G 111 23.15 -31.98 14.20
C LEU G 111 22.31 -32.15 12.93
N ARG G 112 21.50 -33.19 12.90
CA ARG G 112 20.59 -33.41 11.75
C ARG G 112 19.35 -34.12 12.24
N LEU G 113 18.32 -34.11 11.41
CA LEU G 113 17.10 -34.79 11.76
C LEU G 113 17.24 -36.28 11.32
N THR G 114 17.80 -37.12 12.20
CA THR G 114 18.11 -38.51 11.86
C THR G 114 16.86 -39.38 11.81
N SER G 115 15.84 -39.05 12.60
CA SER G 115 14.57 -39.76 12.53
C SER G 115 13.91 -39.52 11.17
N GLU G 116 14.02 -40.48 10.28
CA GLU G 116 13.41 -40.34 8.97
C GLU G 116 11.90 -40.09 8.98
N HIS G 117 11.17 -40.70 9.90
CA HIS G 117 9.73 -40.47 9.85
C HIS G 117 9.35 -39.01 10.15
N ALA G 118 10.15 -38.34 10.95
CA ALA G 118 9.89 -36.91 11.22
C ALA G 118 10.29 -36.09 10.02
N ALA G 119 11.43 -36.41 9.41
CA ALA G 119 11.86 -35.70 8.21
C ALA G 119 10.80 -35.78 7.11
N LYS G 120 10.20 -36.95 6.96
CA LYS G 120 9.23 -37.17 5.91
C LYS G 120 7.98 -36.34 6.16
N GLU G 121 7.52 -36.26 7.42
CA GLU G 121 6.37 -35.47 7.73
C GLU G 121 6.61 -33.97 7.51
N ILE G 122 7.83 -33.52 7.82
CA ILE G 122 8.19 -32.17 7.59
C ILE G 122 8.31 -31.85 6.10
N GLU G 123 8.93 -32.73 5.36
CA GLU G 123 9.05 -32.54 3.92
CA GLU G 123 9.00 -32.55 3.91
C GLU G 123 7.61 -32.41 3.26
N GLN G 124 6.66 -33.23 3.69
CA GLN G 124 5.31 -33.16 3.11
C GLN G 124 4.65 -31.85 3.45
N LYS G 125 4.83 -31.40 4.68
CA LYS G 125 4.25 -30.16 5.10
C LYS G 125 4.85 -29.01 4.33
N ALA G 126 6.14 -29.10 4.08
CA ALA G 126 6.84 -28.06 3.40
C ALA G 126 6.48 -27.96 1.91
N ARG G 127 6.26 -29.10 1.27
CA ARG G 127 5.82 -29.11 -0.14
C ARG G 127 4.45 -28.48 -0.27
N LYS G 128 3.56 -28.82 0.66
CA LYS G 128 2.28 -28.22 0.72
C LYS G 128 2.36 -26.69 0.96
N VAL G 129 3.13 -26.29 1.95
CA VAL G 129 3.20 -24.87 2.26
C VAL G 129 3.79 -24.09 1.10
N LEU G 130 4.86 -24.61 0.52
CA LEU G 130 5.48 -23.93 -0.59
C LEU G 130 4.55 -23.86 -1.80
N GLY G 131 3.77 -24.92 -2.01
CA GLY G 131 2.80 -24.92 -3.10
C GLY G 131 1.76 -23.83 -2.93
N LEU G 133 2.20 -21.03 -1.02
CA LEU G 133 2.86 -19.75 -1.09
C LEU G 133 3.00 -19.33 -2.60
N LYS G 134 3.43 -20.27 -3.44
CA LYS G 134 3.62 -20.00 -4.84
C LYS G 134 2.33 -19.55 -5.52
N ARG G 135 1.18 -19.88 -4.92
CA ARG G 135 -0.12 -19.47 -5.42
C ARG G 135 -0.68 -18.27 -4.72
N GLY G 136 0.16 -17.58 -3.97
CA GLY G 136 -0.23 -16.32 -3.37
C GLY G 136 -0.87 -16.43 -2.03
N ILE G 137 -0.90 -17.62 -1.42
CA ILE G 137 -1.50 -17.69 -0.08
C ILE G 137 -0.62 -16.94 0.94
N LYS G 138 -1.25 -16.31 1.92
CA LYS G 138 -0.57 -15.58 2.97
C LYS G 138 -1.10 -16.10 4.25
N PHE G 139 -0.21 -16.73 5.02
CA PHE G 139 -0.57 -17.23 6.34
C PHE G 139 -0.53 -16.21 7.42
N THR G 140 0.34 -15.23 7.27
CA THR G 140 0.41 -14.10 8.20
C THR G 140 0.44 -12.83 7.39
N PRO G 141 0.19 -11.70 8.06
CA PRO G 141 0.33 -10.42 7.35
C PRO G 141 1.78 -9.98 7.22
N THR G 142 2.71 -10.80 7.71
CA THR G 142 4.10 -10.46 7.73
C THR G 142 4.88 -11.58 7.12
N GLN G 143 4.66 -11.78 5.85
CA GLN G 143 5.19 -12.93 5.20
C GLN G 143 6.38 -12.56 4.34
N PRO G 144 7.50 -13.30 4.46
CA PRO G 144 8.64 -12.99 3.62
C PRO G 144 8.30 -13.08 2.13
N ASP G 145 8.91 -12.21 1.34
CA ASP G 145 8.75 -12.23 -0.10
C ASP G 145 9.74 -13.18 -0.71
N ILE G 146 9.39 -14.44 -0.67
CA ILE G 146 10.30 -15.45 -1.20
C ILE G 146 10.44 -15.42 -2.72
N GLN G 147 9.41 -14.93 -3.42
CA GLN G 147 9.48 -14.79 -4.90
C GLN G 147 10.61 -13.85 -5.28
N LYS G 148 10.69 -12.74 -4.59
CA LYS G 148 11.76 -11.81 -4.82
C LYS G 148 13.13 -12.46 -4.57
N ILE G 149 13.29 -13.18 -3.45
CA ILE G 149 14.54 -13.83 -3.11
C ILE G 149 14.88 -14.85 -4.18
N TYR G 150 13.88 -15.63 -4.55
CA TYR G 150 14.09 -16.72 -5.52
C TYR G 150 14.62 -16.14 -6.84
N GLU G 151 14.03 -15.04 -7.30
CA GLU G 151 14.46 -14.40 -8.57
C GLU G 151 15.88 -13.86 -8.42
N ARG G 152 16.17 -13.24 -7.29
CA ARG G 152 17.50 -12.76 -7.10
C ARG G 152 18.54 -13.87 -7.16
N LEU G 153 18.21 -15.02 -6.61
CA LEU G 153 19.15 -16.13 -6.61
C LEU G 153 19.41 -16.65 -8.03
N GLN G 154 18.40 -16.64 -8.89
CA GLN G 154 18.60 -16.98 -10.32
C GLN G 154 19.71 -16.13 -11.03
N GLN G 155 20.01 -14.97 -10.46
CA GLN G 155 21.25 -14.19 -10.71
C GLN G 155 20.86 -13.02 -11.56
N ILE I 2 0.87 27.52 9.22
CA ILE I 2 1.17 27.53 10.64
C ILE I 2 2.26 28.51 11.02
N ARG I 3 1.96 29.27 12.07
CA ARG I 3 2.82 30.33 12.58
C ARG I 3 4.25 29.84 12.70
N ASN I 4 5.18 30.71 12.31
CA ASN I 4 6.63 30.46 12.32
C ASN I 4 7.12 29.53 11.20
N GLY I 5 6.25 29.11 10.32
CA GLY I 5 6.64 28.34 9.15
C GLY I 5 7.10 29.17 7.97
N PHE I 6 7.93 28.57 7.13
CA PHE I 6 8.34 29.19 5.89
C PHE I 6 7.54 28.65 4.73
N TYR I 7 7.28 29.50 3.74
CA TYR I 7 6.38 29.18 2.61
C TYR I 7 6.91 29.81 1.35
N ILE I 8 6.47 29.24 0.24
CA ILE I 8 6.59 29.80 -1.08
C ILE I 8 5.23 30.40 -1.45
N ILE I 9 5.29 31.56 -2.11
CA ILE I 9 4.13 32.32 -2.47
C ILE I 9 4.01 32.28 -3.96
N LYS I 10 2.78 32.15 -4.43
CA LYS I 10 2.52 32.11 -5.85
C LYS I 10 2.94 33.34 -6.55
N ASP I 11 3.52 33.20 -7.74
CA ASP I 11 3.81 34.37 -8.57
C ASP I 11 2.56 35.23 -8.85
N ARG I 12 1.42 34.55 -8.91
CA ARG I 12 0.14 35.22 -9.13
C ARG I 12 -0.10 36.37 -8.14
N PHE I 13 0.32 36.17 -6.89
CA PHE I 13 0.24 37.27 -5.91
C PHE I 13 0.95 38.49 -6.40
N PHE I 14 2.18 38.31 -6.85
CA PHE I 14 2.99 39.48 -7.24
C PHE I 14 2.50 40.13 -8.53
N SER I 15 2.03 39.34 -9.48
CA SER I 15 1.49 39.92 -10.71
C SER I 15 0.15 40.61 -10.38
N ASP I 16 -0.70 40.03 -9.54
CA ASP I 16 -1.93 40.72 -9.15
C ASP I 16 -1.66 42.06 -8.46
N SER I 18 1.19 43.86 -8.42
CA SER I 18 1.96 44.73 -9.26
C SER I 18 2.65 45.87 -8.47
N ASP I 19 3.38 45.50 -7.41
CA ASP I 19 4.08 46.51 -6.62
C ASP I 19 5.55 46.38 -6.86
N PRO I 20 6.15 47.39 -7.50
CA PRO I 20 7.54 47.29 -7.80
C PRO I 20 8.47 47.30 -6.61
N TYR I 21 7.96 47.51 -5.40
CA TYR I 21 8.89 47.57 -4.25
C TYR I 21 8.83 46.33 -3.34
N LEU I 22 7.86 45.43 -3.55
CA LEU I 22 7.95 44.12 -2.91
C LEU I 22 9.19 43.42 -3.36
N LYS I 23 9.79 42.67 -2.45
CA LYS I 23 10.97 41.87 -2.82
C LYS I 23 10.58 40.83 -3.88
N GLY I 24 11.33 40.79 -4.96
CA GLY I 24 11.00 39.88 -6.06
C GLY I 24 10.95 38.43 -5.62
N ASN I 25 9.91 37.72 -6.08
CA ASN I 25 9.70 36.33 -5.69
C ASN I 25 10.62 35.31 -6.35
N LYS I 26 11.36 35.73 -7.37
CA LYS I 26 12.30 34.82 -8.05
C LYS I 26 11.62 33.51 -8.48
N LYS I 27 10.46 33.68 -9.09
CA LYS I 27 9.78 32.55 -9.79
C LYS I 27 9.53 31.46 -8.84
N GLN I 28 8.95 31.85 -7.70
CA GLN I 28 8.60 30.91 -6.66
C GLN I 28 9.77 30.20 -6.02
N ASN I 29 10.87 30.95 -5.82
CA ASN I 29 11.98 30.44 -5.03
C ASN I 29 12.36 31.21 -3.74
N ARG I 30 11.80 32.38 -3.50
CA ARG I 30 12.16 33.15 -2.28
C ARG I 30 11.31 32.66 -1.09
N PRO I 31 11.96 32.16 -0.03
CA PRO I 31 11.19 31.75 1.13
C PRO I 31 10.62 32.95 1.81
N HIS I 32 9.40 32.81 2.31
CA HIS I 32 8.76 33.87 3.09
C HIS I 32 8.34 33.30 4.43
N TYR I 33 8.42 34.12 5.47
CA TYR I 33 8.09 33.70 6.81
C TYR I 33 6.72 34.19 7.26
N TYR I 34 5.90 33.30 7.83
CA TYR I 34 4.58 33.67 8.27
C TYR I 34 4.69 34.11 9.71
N CYS I 35 4.60 35.44 9.98
CA CYS I 35 4.77 35.97 11.38
C CYS I 35 3.51 35.95 12.21
N PHE I 36 2.41 36.51 11.73
CA PHE I 36 1.16 36.42 12.50
C PHE I 36 -0.03 36.72 11.65
N GLU I 37 -1.18 36.27 12.10
CA GLU I 37 -2.43 36.60 11.46
C GLU I 37 -2.79 38.05 11.75
N ASP I 38 -3.46 38.71 10.83
CA ASP I 38 -3.94 40.06 11.05
C ASP I 38 -5.01 40.08 12.17
N SER I 39 -4.95 41.08 13.06
CA SER I 39 -5.89 41.22 14.19
C SER I 39 -7.30 41.56 13.77
N ASN I 40 -7.43 42.36 12.70
CA ASN I 40 -8.73 42.87 12.28
C ASN I 40 -9.51 42.00 11.32
N TYR I 41 -8.83 41.30 10.42
CA TYR I 41 -9.51 40.39 9.48
C TYR I 41 -8.88 39.00 9.49
N ASN I 42 -9.68 37.99 9.81
CA ASN I 42 -9.24 36.60 9.67
C ASN I 42 -9.00 36.31 8.19
N GLY I 43 -8.02 35.44 7.93
CA GLY I 43 -7.69 35.09 6.54
C GLY I 43 -6.70 36.05 5.88
N ILE I 44 -6.21 37.05 6.63
CA ILE I 44 -5.13 37.88 6.18
C ILE I 44 -3.95 37.58 7.06
N TYR I 45 -2.80 37.30 6.43
CA TYR I 45 -1.61 36.83 7.13
C TYR I 45 -0.45 37.70 6.77
N TRP I 46 0.39 37.98 7.74
CA TRP I 46 1.54 38.89 7.52
C TRP I 46 2.75 38.08 7.27
N ILE I 48 6.95 37.87 5.89
CA ILE I 48 8.21 38.54 5.82
C ILE I 48 9.15 37.83 4.83
N PRO I 49 9.67 38.56 3.83
CA PRO I 49 10.55 37.96 2.85
C PRO I 49 11.94 37.81 3.36
N LEU I 50 12.63 36.76 2.93
CA LEU I 50 13.98 36.57 3.35
C LEU I 50 14.96 36.81 2.22
N SER I 51 16.18 37.17 2.61
CA SER I 51 17.29 37.30 1.68
C SER I 51 18.52 36.66 2.32
N SER I 52 19.35 35.99 1.53
CA SER I 52 20.60 35.44 2.04
C SER I 52 21.78 36.41 1.79
N ARG I 53 21.52 37.66 1.39
CA ARG I 53 22.64 38.62 1.09
C ARG I 53 23.12 39.26 2.39
N ILE I 54 23.77 38.46 3.19
CA ILE I 54 24.06 38.79 4.59
C ILE I 54 25.03 39.98 4.65
N ASP I 55 26.02 40.02 3.73
CA ASP I 55 26.97 41.11 3.64
C ASP I 55 26.23 42.43 3.47
N LYS I 56 25.21 42.45 2.61
CA LYS I 56 24.46 43.69 2.45
C LYS I 56 23.67 44.03 3.69
N TYR I 57 22.95 43.07 4.20
CA TYR I 57 21.97 43.39 5.25
C TYR I 57 22.60 43.62 6.62
N LYS I 58 23.76 42.99 6.85
CA LYS I 58 24.57 43.26 8.07
C LYS I 58 24.95 44.75 8.14
N LYS I 59 25.34 45.35 7.01
CA LYS I 59 25.67 46.79 7.00
C LYS I 59 24.48 47.63 7.42
N ILE I 60 23.28 47.20 7.06
CA ILE I 60 22.13 48.01 7.37
C ILE I 60 21.84 47.90 8.85
N VAL I 61 21.94 46.69 9.36
CA VAL I 61 21.80 46.48 10.79
C VAL I 61 22.80 47.31 11.60
N SER I 62 24.06 47.27 11.20
CA SER I 62 25.14 47.97 11.90
C SER I 62 24.98 49.52 11.89
N LYS I 63 24.23 50.07 10.94
CA LYS I 63 23.86 51.49 11.02
C LYS I 63 23.20 51.83 12.35
N ARG I 64 22.35 50.93 12.86
CA ARG I 64 21.68 51.21 14.14
C ARG I 64 22.47 50.69 15.32
N THR I 65 22.96 49.49 15.14
CA THR I 65 23.73 48.78 16.14
C THR I 65 24.99 49.55 16.56
N GLY I 66 25.65 50.17 15.58
CA GLY I 66 26.84 50.97 15.84
C GLY I 66 26.57 52.25 16.61
N LYS I 67 25.31 52.69 16.62
CA LYS I 67 24.83 53.76 17.51
C LYS I 67 24.11 53.23 18.77
N GLY I 68 24.39 52.00 19.18
CA GLY I 68 23.77 51.46 20.39
C GLY I 68 22.28 51.19 20.36
N ARG I 69 21.69 51.13 19.17
CA ARG I 69 20.25 50.85 19.05
C ARG I 69 19.99 49.47 18.41
N ASN I 70 18.87 48.87 18.75
CA ASN I 70 18.38 47.67 18.05
C ASN I 70 17.93 47.98 16.60
N CYS I 71 18.14 47.02 15.70
CA CYS I 71 17.57 47.15 14.31
C CYS I 71 16.33 46.35 14.27
N ASP I 72 15.18 47.00 14.10
CA ASP I 72 13.89 46.27 13.97
C ASP I 72 13.53 45.92 12.51
N ILE I 73 14.09 46.63 11.53
CA ILE I 73 13.64 46.49 10.17
C ILE I 73 14.32 45.30 9.49
N ILE I 74 15.45 44.87 10.03
CA ILE I 74 16.16 43.68 9.56
C ILE I 74 16.66 42.86 10.74
N HIS I 75 16.46 41.56 10.66
CA HIS I 75 16.93 40.66 11.67
C HIS I 75 17.57 39.47 10.99
N ILE I 76 18.78 39.16 11.40
CA ILE I 76 19.56 38.11 10.82
C ILE I 76 19.70 36.98 11.83
N VAL I 77 19.36 35.77 11.42
CA VAL I 77 19.48 34.62 12.27
C VAL I 77 19.74 33.36 11.48
N LYS I 78 20.43 32.42 12.11
CA LYS I 78 20.75 31.14 11.52
C LYS I 78 19.48 30.30 11.59
N LEU I 79 19.02 29.80 10.44
CA LEU I 79 17.86 28.92 10.43
C LEU I 79 18.27 27.47 10.69
N ASP I 80 17.30 26.60 10.76
CA ASP I 80 17.55 25.19 11.03
C ASP I 80 18.27 24.46 9.87
N ASP I 81 18.46 25.13 8.72
CA ASP I 81 19.34 24.62 7.66
C ASP I 81 20.79 24.99 7.92
N SER I 82 21.03 25.63 9.07
CA SER I 82 22.36 25.98 9.54
C SER I 82 23.01 27.11 8.76
N HIS I 83 22.23 27.84 7.96
CA HIS I 83 22.72 29.06 7.32
C HIS I 83 21.97 30.31 7.78
N GLU I 84 22.68 31.44 7.71
CA GLU I 84 22.16 32.73 8.14
C GLU I 84 21.20 33.31 7.12
N SER I 85 20.09 33.87 7.60
CA SER I 85 19.10 34.48 6.73
C SER I 85 18.70 35.84 7.27
N ALA I 86 18.53 36.80 6.36
CA ALA I 86 18.02 38.09 6.70
C ALA I 86 16.53 38.15 6.52
N PHE I 87 15.83 38.52 7.59
CA PHE I 87 14.43 38.75 7.56
C PHE I 87 14.24 40.21 7.27
N LEU I 88 13.66 40.54 6.12
CA LEU I 88 13.47 41.93 5.72
C LEU I 88 12.12 42.40 6.24
N ILE I 89 12.09 42.68 7.53
CA ILE I 89 10.83 43.00 8.22
C ILE I 89 10.30 44.31 7.69
N GLN I 90 11.23 45.22 7.35
CA GLN I 90 10.92 46.44 6.58
C GLN I 90 9.92 46.21 5.41
N ASP I 91 9.99 45.04 4.79
CA ASP I 91 9.25 44.78 3.53
C ASP I 91 8.15 43.76 3.75
N PHE I 93 4.44 42.22 4.40
CA PHE I 93 3.22 42.49 3.63
C PHE I 93 2.16 41.46 3.91
N PRO I 94 0.92 41.82 3.64
CA PRO I 94 -0.14 40.92 3.90
C PRO I 94 -0.52 40.03 2.72
N ILE I 95 -1.11 38.89 3.04
CA ILE I 95 -1.52 37.95 2.01
C ILE I 95 -2.74 37.17 2.47
N SER I 96 -3.43 36.51 1.55
CA SER I 96 -4.52 35.55 1.90
C SER I 96 -4.12 34.17 1.44
N ASP I 97 -4.86 33.22 1.94
CA ASP I 97 -4.60 31.80 1.79
C ASP I 97 -4.48 31.29 0.36
N LYS I 98 -5.28 31.84 -0.55
CA LYS I 98 -5.26 31.38 -1.93
C LYS I 98 -3.96 31.74 -2.69
N TYR I 99 -3.17 32.67 -2.15
CA TYR I 99 -1.89 33.03 -2.75
C TYR I 99 -0.70 32.23 -2.23
N ILE I 100 -0.92 31.34 -1.28
CA ILE I 100 0.16 30.50 -0.79
C ILE I 100 0.31 29.30 -1.72
N GLU I 101 1.52 29.02 -2.17
CA GLU I 101 1.75 27.87 -3.02
C GLU I 101 1.97 26.57 -2.23
N ARG I 102 2.89 26.59 -1.29
CA ARG I 102 3.26 25.39 -0.54
C ARG I 102 4.20 25.73 0.58
N GLU I 103 4.43 24.75 1.42
CA GLU I 103 5.46 24.79 2.43
C GLU I 103 6.85 24.83 1.80
N TYR I 104 7.76 25.57 2.43
CA TYR I 104 9.16 25.56 2.04
C TYR I 104 9.78 24.43 2.83
N THR I 105 10.53 23.54 2.16
CA THR I 105 11.00 22.31 2.79
C THR I 105 12.51 22.18 2.94
N ILE I 106 12.89 21.38 3.92
CA ILE I 106 14.26 20.88 4.07
C ILE I 106 14.13 19.33 4.09
N ALA I 107 14.65 18.68 3.05
CA ALA I 107 14.54 17.22 2.88
C ALA I 107 13.14 16.73 3.12
N GLY I 108 12.19 17.38 2.50
CA GLY I 108 10.81 16.96 2.61
C GLY I 108 10.09 17.29 3.91
N ASN I 109 10.77 17.87 4.87
CA ASN I 109 10.10 18.37 6.06
C ASN I 109 9.85 19.87 5.89
N HIS I 110 8.94 20.39 6.68
CA HIS I 110 8.61 21.80 6.64
C HIS I 110 9.64 22.63 7.39
N LEU I 111 10.38 23.50 6.68
CA LEU I 111 11.32 24.36 7.37
C LEU I 111 10.51 25.36 8.17
N ARG I 112 10.87 25.53 9.44
CA ARG I 112 10.23 26.56 10.27
C ARG I 112 11.22 27.11 11.24
N LEU I 113 10.83 28.21 11.87
CA LEU I 113 11.69 28.80 12.87
C LEU I 113 11.37 28.12 14.22
N THR I 114 12.03 27.00 14.52
CA THR I 114 11.70 26.19 15.73
C THR I 114 12.20 26.82 17.02
N SER I 115 13.28 27.57 16.95
CA SER I 115 13.80 28.30 18.09
C SER I 115 12.83 29.41 18.55
N GLU I 116 12.04 29.12 19.57
CA GLU I 116 11.03 30.06 20.02
C GLU I 116 11.57 31.40 20.43
N HIS I 117 12.77 31.48 20.98
CA HIS I 117 13.27 32.81 21.37
C HIS I 117 13.58 33.73 20.15
N ALA I 118 13.94 33.14 19.02
CA ALA I 118 14.18 33.93 17.80
C ALA I 118 12.82 34.35 17.21
N ALA I 119 11.88 33.44 17.16
CA ALA I 119 10.56 33.77 16.67
C ALA I 119 9.98 34.94 17.44
N LYS I 120 10.16 34.91 18.74
CA LYS I 120 9.55 35.89 19.60
C LYS I 120 10.17 37.24 19.32
N GLU I 121 11.49 37.26 19.16
CA GLU I 121 12.14 38.52 18.90
C GLU I 121 11.68 39.10 17.53
N ILE I 122 11.49 38.21 16.56
CA ILE I 122 11.07 38.63 15.23
C ILE I 122 9.64 39.13 15.25
N GLU I 123 8.79 38.45 15.97
CA GLU I 123 7.40 38.85 16.13
CA GLU I 123 7.42 38.89 16.14
C GLU I 123 7.32 40.28 16.74
N GLN I 124 8.10 40.55 17.77
CA GLN I 124 8.07 41.87 18.39
C GLN I 124 8.55 42.93 17.40
N LYS I 125 9.63 42.64 16.68
CA LYS I 125 10.14 43.57 15.71
C LYS I 125 9.09 43.86 14.66
N ALA I 126 8.37 42.85 14.24
CA ALA I 126 7.37 42.94 13.20
C ALA I 126 6.15 43.72 13.62
N ARG I 127 5.73 43.54 14.86
CA ARG I 127 4.63 44.35 15.42
C ARG I 127 5.00 45.84 15.49
N LYS I 128 6.23 46.12 15.85
CA LYS I 128 6.72 47.46 15.89
C LYS I 128 6.77 48.04 14.49
N VAL I 129 7.38 47.31 13.58
CA VAL I 129 7.58 47.84 12.23
C VAL I 129 6.20 48.06 11.57
N LEU I 130 5.29 47.14 11.75
CA LEU I 130 3.98 47.29 11.15
C LEU I 130 3.26 48.47 11.77
N GLY I 131 3.43 48.65 13.09
CA GLY I 131 2.79 49.78 13.76
C GLY I 131 3.29 51.10 13.20
N LEU I 133 4.67 51.48 10.09
CA LEU I 133 4.21 51.58 8.67
C LEU I 133 2.76 52.08 8.59
N LYS I 134 1.90 51.58 9.48
CA LYS I 134 0.53 52.02 9.57
C LYS I 134 0.37 53.51 9.91
N ARG I 135 1.38 54.10 10.53
CA ARG I 135 1.35 55.51 10.89
C ARG I 135 2.10 56.35 9.86
N GLY I 136 2.46 55.78 8.72
CA GLY I 136 3.03 56.55 7.66
C GLY I 136 4.53 56.63 7.67
N ILE I 137 5.20 55.89 8.52
CA ILE I 137 6.64 55.91 8.50
C ILE I 137 7.14 55.26 7.21
N LYS I 138 8.22 55.78 6.68
CA LYS I 138 8.88 55.22 5.54
C LYS I 138 10.35 55.02 5.89
N PHE I 139 10.79 53.78 5.84
CA PHE I 139 12.15 53.44 6.13
C PHE I 139 13.05 53.56 4.95
N THR I 140 12.48 53.32 3.77
CA THR I 140 13.23 53.49 2.51
C THR I 140 12.39 54.33 1.61
N PRO I 141 13.00 54.91 0.58
CA PRO I 141 12.20 55.61 -0.42
C PRO I 141 11.48 54.64 -1.39
N THR I 142 11.65 53.33 -1.21
CA THR I 142 11.10 52.33 -2.11
C THR I 142 10.32 51.35 -1.30
N GLN I 143 9.25 51.83 -0.72
CA GLN I 143 8.53 51.04 0.21
C GLN I 143 7.23 50.48 -0.37
N PRO I 144 6.96 49.16 -0.20
CA PRO I 144 5.75 48.61 -0.76
C PRO I 144 4.53 49.26 -0.20
N ASP I 145 3.50 49.41 -1.04
CA ASP I 145 2.25 49.92 -0.65
C ASP I 145 1.38 48.83 -0.05
N ILE I 146 1.63 48.51 1.21
CA ILE I 146 0.90 47.44 1.89
C ILE I 146 -0.52 47.81 2.20
N GLN I 147 -0.80 49.11 2.35
CA GLN I 147 -2.19 49.54 2.52
C GLN I 147 -3.05 49.13 1.27
N LYS I 148 -2.54 49.38 0.10
CA LYS I 148 -3.25 49.05 -1.13
C LYS I 148 -3.49 47.55 -1.20
N ILE I 149 -2.45 46.78 -0.92
CA ILE I 149 -2.58 45.30 -0.88
C ILE I 149 -3.59 44.88 0.15
N TYR I 150 -3.52 45.48 1.34
CA TYR I 150 -4.40 45.07 2.42
C TYR I 150 -5.85 45.28 2.03
N GLU I 151 -6.14 46.42 1.42
CA GLU I 151 -7.52 46.74 0.99
C GLU I 151 -7.98 45.81 -0.12
N ARG I 152 -7.10 45.50 -1.08
CA ARG I 152 -7.43 44.54 -2.11
C ARG I 152 -7.80 43.20 -1.50
N LEU I 153 -7.07 42.78 -0.47
CA LEU I 153 -7.35 41.48 0.13
C LEU I 153 -8.74 41.45 0.79
N GLN I 154 -9.16 42.55 1.41
CA GLN I 154 -10.51 42.65 1.98
C GLN I 154 -11.65 42.38 0.95
N GLN I 155 -11.36 42.53 -0.34
CA GLN I 155 -12.20 42.12 -1.50
C GLN I 155 -12.76 43.41 -2.01
N ILE K 2 -0.41 32.92 52.54
CA ILE K 2 -0.41 33.13 51.12
C ILE K 2 1.02 33.18 50.62
N ARG K 3 1.25 32.38 49.58
CA ARG K 3 2.56 32.21 48.98
C ARG K 3 3.25 33.56 48.80
N ASN K 4 4.56 33.59 49.09
CA ASN K 4 5.42 34.81 48.96
C ASN K 4 5.20 35.85 50.07
N GLY K 5 4.33 35.58 51.04
CA GLY K 5 4.20 36.42 52.21
C GLY K 5 5.28 36.14 53.27
N PHE K 6 5.53 37.14 54.10
CA PHE K 6 6.32 36.98 55.30
C PHE K 6 5.43 36.78 56.55
N TYR K 7 5.91 35.95 57.46
CA TYR K 7 5.14 35.56 58.69
C TYR K 7 6.05 35.42 59.90
N ILE K 8 5.44 35.58 61.06
CA ILE K 8 6.05 35.26 62.35
C ILE K 8 5.53 33.91 62.79
N ILE K 9 6.43 33.11 63.33
CA ILE K 9 6.12 31.75 63.73
C ILE K 9 6.11 31.70 65.25
N LYS K 10 5.15 30.97 65.80
CA LYS K 10 5.04 30.76 67.26
C LYS K 10 6.27 30.13 67.86
N ASP K 11 6.71 30.65 69.02
CA ASP K 11 7.85 30.03 69.75
C ASP K 11 7.56 28.56 70.08
N ARG K 12 6.31 28.23 70.24
CA ARG K 12 5.89 26.85 70.46
C ARG K 12 6.44 25.89 69.42
N PHE K 13 6.51 26.33 68.18
CA PHE K 13 7.10 25.47 67.14
C PHE K 13 8.52 25.10 67.52
N PHE K 14 9.29 26.08 67.92
CA PHE K 14 10.74 25.86 68.17
C PHE K 14 10.97 25.05 69.46
N SER K 15 10.14 25.27 70.48
CA SER K 15 10.23 24.45 71.71
C SER K 15 9.73 23.02 71.44
N ASP K 16 8.67 22.84 70.66
CA ASP K 16 8.28 21.47 70.25
C ASP K 16 9.37 20.73 69.51
N SER K 18 12.66 21.51 69.15
CA SER K 18 13.89 21.42 69.92
C SER K 18 15.13 21.10 69.06
N ASP K 19 15.30 21.88 67.99
CA ASP K 19 16.40 21.64 67.07
C ASP K 19 17.39 22.75 67.22
N PRO K 20 18.60 22.43 67.69
CA PRO K 20 19.54 23.50 67.98
C PRO K 20 20.12 24.17 66.76
N TYR K 21 19.82 23.66 65.57
CA TYR K 21 20.39 24.27 64.36
C TYR K 21 19.43 25.12 63.55
N LEU K 22 18.13 25.09 63.86
CA LEU K 22 17.20 26.05 63.26
C LEU K 22 17.64 27.46 63.66
N LYS K 23 17.41 28.42 62.78
CA LYS K 23 17.68 29.80 63.09
C LYS K 23 16.80 30.25 64.24
N GLY K 24 17.39 30.81 65.27
CA GLY K 24 16.62 31.21 66.44
C GLY K 24 15.55 32.21 66.16
N ASN K 25 14.37 31.97 66.73
CA ASN K 25 13.20 32.76 66.39
C ASN K 25 13.18 34.13 67.06
N LYS K 26 14.10 34.38 68.00
CA LYS K 26 14.21 35.66 68.65
C LYS K 26 12.87 36.13 69.26
N LYS K 27 12.24 35.20 69.96
CA LYS K 27 11.03 35.50 70.72
C LYS K 27 9.98 36.09 69.80
N GLN K 28 9.74 35.40 68.67
CA GLN K 28 8.70 35.81 67.72
C GLN K 28 8.99 37.13 67.01
N ASN K 29 10.28 37.38 66.73
CA ASN K 29 10.64 38.51 65.91
C ASN K 29 11.32 38.25 64.54
N ARG K 30 11.70 37.01 64.27
CA ARG K 30 12.42 36.73 63.01
C ARG K 30 11.36 36.54 61.90
N PRO K 31 11.36 37.41 60.89
CA PRO K 31 10.49 37.11 59.74
C PRO K 31 10.86 35.83 59.01
N HIS K 32 9.87 35.07 58.62
CA HIS K 32 10.07 33.87 57.81
C HIS K 32 9.24 33.98 56.53
N TYR K 33 9.79 33.45 55.44
CA TYR K 33 9.15 33.55 54.13
C TYR K 33 8.47 32.24 53.76
N TYR K 34 7.20 32.33 53.38
CA TYR K 34 6.47 31.14 52.97
C TYR K 34 6.73 30.87 51.50
N CYS K 35 7.56 29.88 51.21
CA CYS K 35 8.00 29.59 49.85
C CYS K 35 7.03 28.73 48.99
N PHE K 36 6.68 27.54 49.47
CA PHE K 36 5.68 26.70 48.76
C PHE K 36 5.12 25.64 49.67
N GLU K 37 3.94 25.17 49.34
CA GLU K 37 3.33 24.05 50.03
C GLU K 37 4.09 22.78 49.67
N ASP K 38 4.17 21.84 50.61
CA ASP K 38 4.75 20.54 50.33
C ASP K 38 3.93 19.77 49.27
N SER K 39 4.61 19.10 48.33
CA SER K 39 3.96 18.32 47.25
C SER K 39 3.21 17.08 47.72
N ASN K 40 3.76 16.41 48.74
CA ASN K 40 3.21 15.15 49.22
C ASN K 40 2.10 15.26 50.26
N TYR K 41 2.14 16.26 51.15
CA TYR K 41 1.11 16.42 52.19
C TYR K 41 0.61 17.84 52.23
N ASN K 42 -0.68 17.97 52.02
CA ASN K 42 -1.34 19.26 52.19
C ASN K 42 -1.30 19.66 53.66
N GLY K 43 -1.17 20.96 53.93
CA GLY K 43 -1.06 21.45 55.32
C GLY K 43 0.37 21.45 55.86
N ILE K 44 1.35 21.06 55.06
CA ILE K 44 2.74 21.25 55.39
C ILE K 44 3.31 22.30 54.43
N TYR K 45 3.98 23.30 55.01
CA TYR K 45 4.46 24.47 54.25
C TYR K 45 5.95 24.65 54.47
N TRP K 46 6.66 25.04 53.41
CA TRP K 46 8.08 25.21 53.51
C TRP K 46 8.40 26.69 53.75
N ILE K 48 11.34 29.81 54.82
CA ILE K 48 12.74 30.20 54.78
C ILE K 48 12.99 31.37 55.79
N PRO K 49 13.96 31.20 56.67
CA PRO K 49 14.20 32.24 57.66
C PRO K 49 15.03 33.35 57.03
N LEU K 50 14.78 34.60 57.43
CA LEU K 50 15.60 35.71 56.99
C LEU K 50 16.57 36.21 58.05
N SER K 51 17.63 36.83 57.57
CA SER K 51 18.61 37.51 58.42
C SER K 51 19.03 38.82 57.80
N SER K 52 19.29 39.83 58.62
CA SER K 52 19.69 41.12 58.11
C SER K 52 21.18 41.29 58.27
N ARG K 53 21.91 40.22 58.56
CA ARG K 53 23.36 40.30 58.64
C ARG K 53 23.96 40.14 57.23
N ILE K 54 23.77 41.17 56.44
CA ILE K 54 24.13 41.13 55.00
C ILE K 54 25.63 40.95 54.80
N ASP K 55 26.39 41.64 55.60
CA ASP K 55 27.79 41.46 55.62
C ASP K 55 28.27 40.01 55.69
N LYS K 56 27.72 39.30 56.68
CA LYS K 56 28.12 37.94 56.92
C LYS K 56 27.68 37.07 55.72
N TYR K 57 26.45 37.25 55.28
CA TYR K 57 25.89 36.35 54.25
C TYR K 57 26.41 36.63 52.85
N LYS K 58 26.77 37.87 52.57
CA LYS K 58 27.46 38.21 51.32
C LYS K 58 28.76 37.44 51.17
N LYS K 59 29.55 37.37 52.23
CA LYS K 59 30.81 36.60 52.16
C LYS K 59 30.56 35.13 51.83
N ILE K 60 29.47 34.57 52.34
CA ILE K 60 29.18 33.20 52.08
C ILE K 60 28.82 33.04 50.64
N VAL K 61 28.00 33.93 50.11
CA VAL K 61 27.63 33.92 48.69
C VAL K 61 28.93 33.94 47.84
N SER K 62 29.85 34.82 48.16
CA SER K 62 31.07 34.99 47.41
C SER K 62 32.05 33.85 47.43
N LYS K 63 31.97 33.00 48.46
CA LYS K 63 32.69 31.72 48.44
C LYS K 63 32.35 30.89 47.21
N ARG K 64 31.11 30.89 46.78
CA ARG K 64 30.79 30.16 45.55
C ARG K 64 30.99 30.99 44.30
N THR K 65 30.46 32.19 44.38
CA THR K 65 30.42 33.11 43.29
C THR K 65 31.84 33.40 42.75
N GLY K 66 32.79 33.49 43.66
CA GLY K 66 34.15 33.80 43.31
C GLY K 66 34.87 32.63 42.64
N LYS K 67 34.32 31.42 42.78
CA LYS K 67 34.70 30.24 41.96
C LYS K 67 33.79 30.01 40.74
N GLY K 68 33.09 31.04 40.27
CA GLY K 68 32.22 30.87 39.11
C GLY K 68 31.00 29.96 39.29
N ARG K 69 30.58 29.70 40.52
CA ARG K 69 29.35 28.94 40.79
C ARG K 69 28.24 29.78 41.41
N ASN K 70 26.99 29.39 41.14
CA ASN K 70 25.81 30.04 41.75
C ASN K 70 25.74 29.65 43.21
N CYS K 71 25.22 30.57 44.03
CA CYS K 71 24.91 30.27 45.40
C CYS K 71 23.39 30.10 45.45
N ASP K 72 22.96 28.86 45.70
CA ASP K 72 21.57 28.55 45.93
C ASP K 72 21.17 28.58 47.45
N ILE K 73 22.14 28.47 48.35
CA ILE K 73 21.83 28.30 49.78
C ILE K 73 21.55 29.62 50.48
N ILE K 74 21.97 30.73 49.85
CA ILE K 74 21.67 32.05 50.31
C ILE K 74 21.35 32.94 49.14
N HIS K 75 20.31 33.74 49.29
CA HIS K 75 19.94 34.71 48.31
C HIS K 75 19.60 36.02 48.99
N ILE K 76 20.19 37.09 48.48
CA ILE K 76 20.05 38.43 49.10
C ILE K 76 19.28 39.31 48.15
N VAL K 77 18.21 39.89 48.62
CA VAL K 77 17.42 40.79 47.82
C VAL K 77 16.79 41.90 48.67
N LYS K 78 16.58 43.04 48.03
CA LYS K 78 15.95 44.18 48.63
C LYS K 78 14.47 43.94 48.69
N LEU K 79 13.90 44.02 49.88
CA LEU K 79 12.44 43.81 50.05
C LEU K 79 11.71 45.13 49.83
N ASP K 80 10.40 45.10 49.90
CA ASP K 80 9.57 46.26 49.70
C ASP K 80 9.72 47.32 50.82
N ASP K 81 10.39 46.99 51.91
CA ASP K 81 10.79 48.00 52.90
C ASP K 81 12.02 48.73 52.47
N SER K 82 12.56 48.37 51.29
CA SER K 82 13.71 49.03 50.68
C SER K 82 15.03 48.67 51.29
N HIS K 83 15.05 47.63 52.11
CA HIS K 83 16.31 47.15 52.66
C HIS K 83 16.59 45.75 52.20
N GLU K 84 17.87 45.43 52.18
CA GLU K 84 18.36 44.11 51.82
C GLU K 84 18.15 43.07 52.93
N SER K 85 17.70 41.89 52.52
CA SER K 85 17.50 40.76 53.41
C SER K 85 18.16 39.51 52.82
N ALA K 86 18.80 38.73 53.68
CA ALA K 86 19.29 37.45 53.30
C ALA K 86 18.26 36.36 53.56
N PHE K 87 17.94 35.57 52.51
CA PHE K 87 17.10 34.42 52.62
C PHE K 87 18.00 33.21 52.89
N LEU K 88 17.92 32.61 54.09
CA LEU K 88 18.82 31.51 54.41
C LEU K 88 18.15 30.21 53.95
N ILE K 89 18.24 29.97 52.66
CA ILE K 89 17.53 28.90 52.03
C ILE K 89 18.10 27.56 52.55
N GLN K 90 19.40 27.55 52.81
CA GLN K 90 20.08 26.47 53.53
C GLN K 90 19.31 25.95 54.73
N ASP K 91 18.62 26.85 55.44
CA ASP K 91 18.02 26.52 56.73
C ASP K 91 16.50 26.43 56.65
N PHE K 93 12.74 24.93 56.25
CA PHE K 93 12.15 23.88 57.09
C PHE K 93 10.65 23.87 56.96
N PRO K 94 10.02 22.77 57.38
CA PRO K 94 8.57 22.64 57.19
C PRO K 94 7.80 23.01 58.40
N ILE K 95 6.57 23.40 58.19
CA ILE K 95 5.72 23.80 59.26
C ILE K 95 4.24 23.54 58.91
N SER K 96 3.37 23.55 59.92
CA SER K 96 1.94 23.41 59.71
C SER K 96 1.24 24.64 60.25
N ASP K 97 0.00 24.77 59.87
CA ASP K 97 -0.77 25.99 60.04
C ASP K 97 -0.90 26.46 61.49
N LYS K 98 -1.02 25.53 62.41
CA LYS K 98 -1.22 25.88 63.81
C LYS K 98 0.02 26.54 64.47
N TYR K 99 1.18 26.42 63.83
CA TYR K 99 2.39 27.05 64.34
C TYR K 99 2.62 28.46 63.78
N ILE K 100 1.74 28.95 62.92
CA ILE K 100 1.85 30.31 62.37
C ILE K 100 1.18 31.34 63.28
N GLU K 101 1.91 32.39 63.66
CA GLU K 101 1.38 33.34 64.64
C GLU K 101 0.62 34.46 63.97
N ARG K 102 1.23 35.12 63.01
CA ARG K 102 0.59 36.22 62.32
C ARG K 102 1.42 36.66 61.13
N GLU K 103 0.84 37.58 60.36
CA GLU K 103 1.52 38.23 59.24
C GLU K 103 2.62 39.14 59.78
N TYR K 104 3.73 39.22 59.06
CA TYR K 104 4.75 40.21 59.34
C TYR K 104 4.35 41.46 58.56
N THR K 105 4.37 42.61 59.21
CA THR K 105 3.80 43.81 58.62
C THR K 105 4.81 44.95 58.35
N ILE K 106 4.40 45.82 57.46
CA ILE K 106 5.03 47.12 57.23
C ILE K 106 3.91 48.17 57.36
N ALA K 107 4.00 48.99 58.42
CA ALA K 107 2.96 50.01 58.72
C ALA K 107 1.57 49.41 58.62
N GLY K 108 1.38 48.26 59.23
CA GLY K 108 0.06 47.65 59.27
C GLY K 108 -0.40 46.96 57.99
N ASN K 109 0.41 46.96 56.93
CA ASN K 109 0.14 46.10 55.78
C ASN K 109 0.98 44.85 55.87
N HIS K 110 0.59 43.84 55.11
CA HIS K 110 1.33 42.59 55.08
C HIS K 110 2.56 42.75 54.23
N LEU K 111 3.76 42.58 54.81
CA LEU K 111 4.95 42.55 53.97
C LEU K 111 4.95 41.24 53.15
N ARG K 112 5.23 41.36 51.86
CA ARG K 112 5.38 40.19 51.01
C ARG K 112 6.34 40.46 49.85
N LEU K 113 6.81 39.40 49.21
CA LEU K 113 7.76 39.56 48.13
C LEU K 113 6.94 39.79 46.88
N THR K 114 6.60 41.04 46.60
CA THR K 114 5.68 41.36 45.52
C THR K 114 6.35 41.18 44.16
N SER K 115 7.66 41.41 44.09
CA SER K 115 8.41 41.25 42.83
C SER K 115 8.46 39.79 42.40
N GLU K 116 7.60 39.42 41.48
CA GLU K 116 7.50 37.98 41.06
C GLU K 116 8.77 37.43 40.52
N HIS K 117 9.57 38.20 39.85
CA HIS K 117 10.83 37.60 39.38
C HIS K 117 11.78 37.18 40.51
N ALA K 118 11.73 37.89 41.63
CA ALA K 118 12.62 37.53 42.76
C ALA K 118 12.07 36.32 43.44
N ALA K 119 10.76 36.29 43.59
CA ALA K 119 10.09 35.11 44.16
C ALA K 119 10.41 33.86 43.36
N LYS K 120 10.40 33.99 42.05
CA LYS K 120 10.65 32.84 41.17
C LYS K 120 12.08 32.36 41.32
N GLU K 121 13.03 33.27 41.41
CA GLU K 121 14.42 32.86 41.58
C GLU K 121 14.62 32.16 42.91
N ILE K 122 13.94 32.65 43.94
CA ILE K 122 14.05 32.06 45.29
C ILE K 122 13.39 30.70 45.32
N GLU K 123 12.25 30.58 44.67
CA GLU K 123 11.54 29.29 44.59
CA GLU K 123 11.57 29.28 44.56
C GLU K 123 12.44 28.23 43.90
N GLN K 124 13.09 28.60 42.82
CA GLN K 124 13.98 27.66 42.13
C GLN K 124 15.15 27.26 42.96
N LYS K 125 15.77 28.24 43.63
CA LYS K 125 16.87 27.90 44.52
C LYS K 125 16.40 26.95 45.62
N ALA K 126 15.23 27.21 46.15
CA ALA K 126 14.69 26.42 47.27
C ALA K 126 14.36 24.98 46.87
N ARG K 127 13.86 24.79 45.66
CA ARG K 127 13.55 23.43 45.15
C ARG K 127 14.83 22.64 44.98
N LYS K 128 15.84 23.31 44.51
CA LYS K 128 17.17 22.72 44.42
C LYS K 128 17.77 22.39 45.79
N VAL K 129 17.73 23.36 46.71
CA VAL K 129 18.31 23.11 48.01
C VAL K 129 17.56 21.99 48.73
N LEU K 130 16.24 22.02 48.65
CA LEU K 130 15.48 20.97 49.32
C LEU K 130 15.75 19.60 48.69
N GLY K 131 15.94 19.58 47.38
CA GLY K 131 16.22 18.34 46.68
C GLY K 131 17.52 17.76 47.15
N LEU K 133 19.07 18.53 50.14
CA LEU K 133 18.90 18.14 51.55
C LEU K 133 18.23 16.75 51.70
N LYS K 134 17.17 16.52 50.91
CA LYS K 134 16.49 15.21 50.87
C LYS K 134 17.38 14.04 50.44
N ARG K 135 18.46 14.35 49.75
CA ARG K 135 19.41 13.32 49.40
C ARG K 135 20.68 13.33 50.20
N GLY K 136 20.61 13.95 51.36
CA GLY K 136 21.66 13.78 52.35
C GLY K 136 22.77 14.78 52.24
N ILE K 137 22.63 15.79 51.37
CA ILE K 137 23.69 16.78 51.35
C ILE K 137 23.69 17.56 52.67
N LYS K 138 24.89 17.88 53.12
CA LYS K 138 25.05 18.76 54.29
C LYS K 138 25.91 19.94 53.89
N PHE K 139 25.29 21.13 53.91
CA PHE K 139 25.98 22.36 53.56
C PHE K 139 26.88 22.84 54.69
N THR K 140 26.46 22.58 55.91
CA THR K 140 27.20 23.01 57.11
C THR K 140 27.18 21.82 58.07
N PRO K 141 28.10 21.82 59.04
CA PRO K 141 28.08 20.78 60.05
C PRO K 141 27.00 21.02 61.07
N THR K 142 26.20 22.08 60.89
CA THR K 142 25.15 22.43 61.85
C THR K 142 23.87 22.60 61.12
N GLN K 143 23.37 21.50 60.60
CA GLN K 143 22.22 21.54 59.76
C GLN K 143 20.96 21.06 60.47
N PRO K 144 19.85 21.81 60.36
CA PRO K 144 18.63 21.33 61.00
C PRO K 144 18.17 20.01 60.47
N ASP K 145 17.57 19.21 61.35
CA ASP K 145 17.04 17.91 60.97
C ASP K 145 15.59 18.07 60.50
N ILE K 146 15.45 18.48 59.26
CA ILE K 146 14.13 18.73 58.72
C ILE K 146 13.32 17.46 58.46
N GLN K 147 14.00 16.34 58.23
CA GLN K 147 13.32 15.04 58.11
C GLN K 147 12.57 14.71 59.40
N LYS K 148 13.24 14.90 60.54
CA LYS K 148 12.59 14.67 61.81
C LYS K 148 11.35 15.57 61.97
N ILE K 149 11.52 16.87 61.67
CA ILE K 149 10.39 17.82 61.76
C ILE K 149 9.27 17.42 60.83
N TYR K 150 9.62 17.09 59.60
CA TYR K 150 8.63 16.73 58.60
C TYR K 150 7.77 15.53 59.10
N GLU K 151 8.43 14.53 59.65
CA GLU K 151 7.72 13.33 60.15
C GLU K 151 6.82 13.70 61.31
N ARG K 152 7.33 14.53 62.21
CA ARG K 152 6.50 14.95 63.35
C ARG K 152 5.24 15.65 62.87
N LEU K 153 5.36 16.48 61.84
CA LEU K 153 4.21 17.21 61.32
C LEU K 153 3.15 16.28 60.71
N GLN K 154 3.57 15.21 60.06
CA GLN K 154 2.62 14.17 59.61
C GLN K 154 1.87 13.64 60.87
N GLN K 155 0.62 14.09 61.16
CA GLN K 155 0.28 14.44 62.62
C GLN K 155 0.45 13.25 63.55
N ILE M 2 28.95 33.43 -29.25
CA ILE M 2 29.80 34.47 -29.70
C ILE M 2 30.53 35.06 -28.50
N ARG M 3 31.84 35.15 -28.64
CA ARG M 3 32.75 35.69 -27.63
C ARG M 3 32.19 36.98 -27.02
N ASN M 4 32.31 37.10 -25.70
CA ASN M 4 31.84 38.22 -24.89
C ASN M 4 30.33 38.26 -24.64
N GLY M 5 29.59 37.29 -25.15
CA GLY M 5 28.16 37.22 -24.90
C GLY M 5 27.84 36.55 -23.58
N PHE M 6 26.68 36.86 -23.04
CA PHE M 6 26.15 36.17 -21.87
C PHE M 6 25.12 35.09 -22.33
N TYR M 7 25.09 33.99 -21.57
CA TYR M 7 24.29 32.82 -21.92
C TYR M 7 23.73 32.18 -20.67
N ILE M 8 22.66 31.43 -20.87
CA ILE M 8 22.10 30.53 -19.90
C ILE M 8 22.57 29.13 -20.29
N ILE M 9 22.90 28.36 -19.27
CA ILE M 9 23.39 27.01 -19.44
C ILE M 9 22.30 26.06 -18.97
N LYS M 10 22.11 24.99 -19.72
CA LYS M 10 21.15 23.92 -19.33
C LYS M 10 21.48 23.30 -17.98
N ASP M 11 20.45 23.04 -17.17
CA ASP M 11 20.64 22.36 -15.90
C ASP M 11 21.25 20.95 -16.09
N ARG M 12 20.97 20.36 -17.24
CA ARG M 12 21.61 19.10 -17.62
C ARG M 12 23.15 19.11 -17.44
N PHE M 13 23.79 20.22 -17.79
CA PHE M 13 25.24 20.31 -17.59
C PHE M 13 25.59 20.05 -16.16
N PHE M 14 24.93 20.75 -15.27
CA PHE M 14 25.28 20.68 -13.86
C PHE M 14 24.91 19.32 -13.22
N SER M 15 23.80 18.71 -13.64
CA SER M 15 23.47 17.34 -13.17
C SER M 15 24.45 16.32 -13.80
N ASP M 16 24.81 16.45 -15.08
CA ASP M 16 25.86 15.53 -15.67
C ASP M 16 27.19 15.63 -14.95
N SER M 18 27.86 17.06 -11.91
CA SER M 18 27.71 16.76 -10.50
C SER M 18 28.87 17.29 -9.65
N ASP M 19 29.17 18.58 -9.78
CA ASP M 19 30.27 19.16 -9.04
C ASP M 19 29.70 20.08 -8.04
N PRO M 20 29.94 19.79 -6.77
CA PRO M 20 29.32 20.62 -5.74
C PRO M 20 29.91 21.99 -5.61
N TYR M 21 31.00 22.27 -6.30
CA TYR M 21 31.65 23.57 -6.08
C TYR M 21 31.44 24.57 -7.24
N LEU M 22 30.89 24.12 -8.36
CA LEU M 22 30.44 25.05 -9.39
C LEU M 22 29.40 25.95 -8.77
N LYS M 23 29.38 27.21 -9.17
CA LYS M 23 28.33 28.11 -8.74
C LYS M 23 26.99 27.57 -9.23
N GLY M 24 26.03 27.47 -8.32
CA GLY M 24 24.71 26.92 -8.67
C GLY M 24 24.00 27.68 -9.77
N ASN M 25 23.43 26.95 -10.71
CA ASN M 25 22.81 27.53 -11.84
C ASN M 25 21.48 28.24 -11.57
N LYS M 26 20.91 28.00 -10.39
CA LYS M 26 19.60 28.58 -10.05
C LYS M 26 18.54 28.30 -11.17
N LYS M 27 18.48 27.05 -11.62
CA LYS M 27 17.37 26.57 -12.48
C LYS M 27 17.31 27.38 -13.71
N GLN M 28 18.49 27.49 -14.33
CA GLN M 28 18.62 28.21 -15.58
C GLN M 28 18.37 29.69 -15.48
N ASN M 29 18.76 30.30 -14.36
CA ASN M 29 18.69 31.75 -14.22
C ASN M 29 20.04 32.51 -13.97
N ARG M 30 21.13 31.81 -13.71
CA ARG M 30 22.43 32.51 -13.55
C ARG M 30 23.05 32.82 -14.93
N PRO M 31 23.20 34.11 -15.26
CA PRO M 31 23.96 34.41 -16.49
C PRO M 31 25.44 33.96 -16.41
N HIS M 32 25.95 33.41 -17.49
CA HIS M 32 27.34 33.01 -17.60
C HIS M 32 27.96 33.74 -18.79
N TYR M 33 29.23 34.12 -18.66
CA TYR M 33 29.96 34.84 -19.69
C TYR M 33 30.87 33.90 -20.49
N TYR M 34 30.77 33.95 -21.80
CA TYR M 34 31.66 33.15 -22.65
C TYR M 34 32.96 33.94 -22.90
N CYS M 35 34.08 33.54 -22.25
CA CYS M 35 35.38 34.34 -22.39
C CYS M 35 36.21 33.93 -23.57
N PHE M 36 36.52 32.63 -23.76
CA PHE M 36 37.28 32.22 -24.96
C PHE M 36 37.17 30.74 -25.24
N GLU M 37 37.39 30.36 -26.49
CA GLU M 37 37.44 28.96 -26.88
C GLU M 37 38.74 28.34 -26.37
N ASP M 38 38.69 27.06 -26.01
CA ASP M 38 39.88 26.36 -25.54
C ASP M 38 40.90 26.25 -26.69
N SER M 39 42.19 26.47 -26.37
CA SER M 39 43.26 26.41 -27.39
C SER M 39 43.51 25.01 -27.97
N ASN M 40 43.35 23.98 -27.12
CA ASN M 40 43.67 22.61 -27.50
C ASN M 40 42.56 21.82 -28.19
N TYR M 41 41.30 22.06 -27.83
CA TYR M 41 40.16 21.35 -28.46
C TYR M 41 39.10 22.32 -28.89
N ASN M 42 38.82 22.32 -30.18
CA ASN M 42 37.70 23.08 -30.70
C ASN M 42 36.41 22.48 -30.14
N GLY M 43 35.42 23.33 -29.88
CA GLY M 43 34.14 22.89 -29.30
C GLY M 43 34.12 22.80 -27.78
N ILE M 44 35.23 23.20 -27.14
CA ILE M 44 35.23 23.41 -25.70
C ILE M 44 35.43 24.91 -25.41
N TYR M 45 34.58 25.46 -24.55
CA TYR M 45 34.47 26.88 -24.36
C TYR M 45 34.61 27.14 -22.91
N TRP M 46 35.31 28.23 -22.58
CA TRP M 46 35.48 28.60 -21.18
C TRP M 46 34.45 29.67 -20.75
N ILE M 48 32.46 31.95 -17.52
CA ILE M 48 32.59 32.54 -16.21
C ILE M 48 31.22 32.86 -15.61
N PRO M 49 30.93 32.36 -14.42
CA PRO M 49 29.64 32.65 -13.82
C PRO M 49 29.56 34.03 -13.24
N LEU M 50 28.40 34.67 -13.25
CA LEU M 50 28.22 35.97 -12.58
C LEU M 50 27.42 35.91 -11.31
N SER M 51 27.66 36.88 -10.44
CA SER M 51 26.86 37.08 -9.22
C SER M 51 26.61 38.56 -9.04
N SER M 52 25.44 38.93 -8.52
CA SER M 52 25.17 40.30 -8.28
C SER M 52 25.38 40.65 -6.81
N ARG M 53 26.00 39.77 -6.04
CA ARG M 53 26.23 40.03 -4.62
C ARG M 53 27.50 40.92 -4.45
N ILE M 54 27.35 42.18 -4.85
CA ILE M 54 28.46 43.10 -5.00
C ILE M 54 29.12 43.41 -3.64
N ASP M 55 28.31 43.56 -2.58
CA ASP M 55 28.83 43.77 -1.22
C ASP M 55 29.77 42.63 -0.82
N LYS M 56 29.40 41.39 -1.12
CA LYS M 56 30.29 40.27 -0.79
C LYS M 56 31.56 40.29 -1.63
N TYR M 57 31.42 40.44 -2.94
CA TYR M 57 32.56 40.24 -3.83
C TYR M 57 33.53 41.45 -3.83
N LYS M 58 33.04 42.64 -3.51
CA LYS M 58 33.87 43.82 -3.29
C LYS M 58 34.86 43.59 -2.15
N LYS M 59 34.40 42.99 -1.06
CA LYS M 59 35.31 42.68 0.05
C LYS M 59 36.43 41.73 -0.37
N ILE M 60 36.13 40.81 -1.26
CA ILE M 60 37.15 39.89 -1.68
C ILE M 60 38.17 40.61 -2.56
N VAL M 61 37.68 41.45 -3.46
CA VAL M 61 38.55 42.28 -4.29
C VAL M 61 39.48 43.14 -3.42
N SER M 62 38.91 43.81 -2.42
CA SER M 62 39.63 44.72 -1.56
C SER M 62 40.73 44.01 -0.68
N LYS M 63 40.62 42.70 -0.46
CA LYS M 63 41.69 41.93 0.16
C LYS M 63 43.00 42.10 -0.61
N ARG M 64 42.93 42.13 -1.93
CA ARG M 64 44.15 42.30 -2.74
C ARG M 64 44.45 43.75 -3.03
N THR M 65 43.41 44.45 -3.39
CA THR M 65 43.47 45.86 -3.73
C THR M 65 44.03 46.74 -2.59
N GLY M 66 43.63 46.42 -1.36
CA GLY M 66 44.10 47.13 -0.18
C GLY M 66 45.57 46.91 0.12
N LYS M 67 46.14 45.84 -0.44
CA LYS M 67 47.59 45.60 -0.43
C LYS M 67 48.28 46.02 -1.73
N GLY M 68 47.67 46.92 -2.50
CA GLY M 68 48.26 47.39 -3.75
C GLY M 68 48.36 46.37 -4.88
N ARG M 69 47.63 45.28 -4.82
CA ARG M 69 47.66 44.27 -5.89
C ARG M 69 46.34 44.24 -6.68
N ASN M 70 46.42 43.84 -7.94
CA ASN M 70 45.22 43.54 -8.72
C ASN M 70 44.51 42.27 -8.24
N CYS M 71 43.18 42.25 -8.33
CA CYS M 71 42.40 41.01 -8.08
C CYS M 71 42.07 40.41 -9.41
N ASP M 72 42.62 39.24 -9.70
CA ASP M 72 42.30 38.54 -10.93
C ASP M 72 41.11 37.59 -10.79
N ILE M 73 40.83 37.14 -9.57
CA ILE M 73 39.87 36.03 -9.40
C ILE M 73 38.42 36.54 -9.41
N ILE M 74 38.24 37.83 -9.17
CA ILE M 74 36.99 38.51 -9.25
C ILE M 74 37.14 39.88 -9.89
N HIS M 75 36.25 40.18 -10.83
CA HIS M 75 36.23 41.46 -11.51
C HIS M 75 34.77 41.95 -11.54
N ILE M 76 34.58 43.19 -11.09
CA ILE M 76 33.29 43.80 -10.98
C ILE M 76 33.21 44.89 -12.02
N VAL M 77 32.19 44.83 -12.85
CA VAL M 77 31.97 45.85 -13.81
C VAL M 77 30.46 46.08 -14.08
N LYS M 78 30.11 47.29 -14.47
CA LYS M 78 28.74 47.66 -14.84
C LYS M 78 28.47 47.11 -16.21
N LEU M 79 27.42 46.29 -16.34
CA LEU M 79 27.04 45.75 -17.66
C LEU M 79 26.14 46.74 -18.40
N ASP M 80 25.79 46.40 -19.62
CA ASP M 80 24.94 47.28 -20.44
C ASP M 80 23.48 47.37 -19.91
N ASP M 81 23.13 46.61 -18.88
CA ASP M 81 21.87 46.81 -18.18
C ASP M 81 22.00 47.87 -17.10
N SER M 82 23.18 48.50 -17.04
CA SER M 82 23.48 49.59 -16.14
C SER M 82 23.59 49.18 -14.68
N HIS M 83 23.72 47.88 -14.42
CA HIS M 83 24.01 47.43 -13.08
C HIS M 83 25.34 46.70 -12.99
N GLU M 84 25.90 46.72 -11.79
CA GLU M 84 27.20 46.08 -11.52
C GLU M 84 27.05 44.60 -11.39
N SER M 85 27.96 43.85 -12.01
CA SER M 85 28.02 42.41 -11.87
C SER M 85 29.43 41.97 -11.46
N ALA M 86 29.51 40.97 -10.59
CA ALA M 86 30.77 40.29 -10.30
C ALA M 86 31.00 39.08 -11.19
N PHE M 87 32.15 39.08 -11.86
CA PHE M 87 32.56 37.98 -12.67
C PHE M 87 33.39 37.10 -11.73
N LEU M 88 32.92 35.89 -11.41
CA LEU M 88 33.67 34.99 -10.53
C LEU M 88 34.64 34.16 -11.37
N ILE M 89 35.73 34.81 -11.75
CA ILE M 89 36.70 34.21 -12.64
C ILE M 89 37.34 33.00 -11.96
N GLN M 90 37.52 33.11 -10.65
CA GLN M 90 37.89 31.94 -9.79
C GLN M 90 37.18 30.65 -10.14
N ASP M 91 35.91 30.77 -10.59
CA ASP M 91 35.02 29.60 -10.71
C ASP M 91 34.72 29.31 -12.15
N PHE M 93 34.94 27.61 -15.89
CA PHE M 93 34.88 26.22 -16.25
C PHE M 93 34.62 25.98 -17.67
N PRO M 94 34.92 24.76 -18.18
CA PRO M 94 34.65 24.49 -19.56
C PRO M 94 33.32 23.85 -19.90
N ILE M 95 32.90 24.00 -21.13
CA ILE M 95 31.62 23.50 -21.56
C ILE M 95 31.65 23.23 -23.05
N SER M 96 30.67 22.49 -23.55
CA SER M 96 30.50 22.27 -24.98
C SER M 96 29.18 22.80 -25.42
N ASP M 97 29.04 22.89 -26.72
CA ASP M 97 27.90 23.55 -27.35
C ASP M 97 26.54 23.00 -26.96
N LYS M 98 26.45 21.70 -26.77
CA LYS M 98 25.14 21.08 -26.55
C LYS M 98 24.57 21.43 -25.17
N TYR M 99 25.41 21.95 -24.28
CA TYR M 99 24.97 22.34 -22.96
C TYR M 99 24.52 23.81 -22.86
N ILE M 100 24.63 24.56 -23.95
CA ILE M 100 24.17 25.93 -23.96
C ILE M 100 22.67 25.97 -24.23
N GLU M 101 21.91 26.68 -23.40
CA GLU M 101 20.45 26.73 -23.59
C GLU M 101 20.06 27.83 -24.54
N ARG M 102 20.52 29.05 -24.29
CA ARG M 102 20.14 30.17 -25.08
C ARG M 102 20.98 31.39 -24.71
N GLU M 103 20.81 32.45 -25.50
CA GLU M 103 21.30 33.76 -25.17
C GLU M 103 20.59 34.37 -23.97
N TYR M 104 21.33 35.11 -23.16
CA TYR M 104 20.75 35.87 -22.03
C TYR M 104 20.40 37.20 -22.61
N THR M 105 19.18 37.66 -22.38
CA THR M 105 18.63 38.85 -23.08
C THR M 105 18.28 40.02 -22.24
N ILE M 106 18.31 41.18 -22.89
CA ILE M 106 17.80 42.40 -22.35
C ILE M 106 16.76 42.88 -23.39
N ALA M 107 15.48 42.89 -22.96
CA ALA M 107 14.36 43.28 -23.83
C ALA M 107 14.44 42.61 -25.19
N GLY M 108 14.71 41.31 -25.21
CA GLY M 108 14.81 40.59 -26.47
C GLY M 108 16.06 40.78 -27.30
N ASN M 109 17.01 41.62 -26.86
CA ASN M 109 18.34 41.63 -27.46
C ASN M 109 19.32 40.79 -26.63
N HIS M 110 20.41 40.39 -27.25
CA HIS M 110 21.42 39.59 -26.59
C HIS M 110 22.29 40.47 -25.69
N LEU M 111 22.27 40.24 -24.40
CA LEU M 111 23.17 40.99 -23.49
C LEU M 111 24.59 40.50 -23.70
N ARG M 112 25.52 41.43 -23.87
CA ARG M 112 26.91 41.08 -24.09
C ARG M 112 27.80 42.18 -23.58
N LEU M 113 29.08 41.86 -23.43
CA LEU M 113 30.00 42.84 -22.85
C LEU M 113 30.56 43.65 -24.02
N THR M 114 29.82 44.71 -24.41
CA THR M 114 30.15 45.48 -25.63
C THR M 114 31.39 46.33 -25.46
N SER M 115 31.64 46.78 -24.23
CA SER M 115 32.83 47.56 -23.93
C SER M 115 34.09 46.69 -24.07
N GLU M 116 34.77 46.84 -25.19
CA GLU M 116 35.94 46.02 -25.47
C GLU M 116 37.04 46.15 -24.43
N HIS M 117 37.24 47.31 -23.83
CA HIS M 117 38.32 47.41 -22.86
C HIS M 117 38.05 46.56 -21.60
N ALA M 118 36.77 46.39 -21.26
CA ALA M 118 36.44 45.58 -20.09
C ALA M 118 36.62 44.13 -20.46
N ALA M 119 36.17 43.76 -21.64
CA ALA M 119 36.31 42.38 -22.08
C ALA M 119 37.78 41.98 -22.06
N LYS M 120 38.64 42.90 -22.49
CA LYS M 120 40.06 42.59 -22.64
C LYS M 120 40.68 42.40 -21.27
N GLU M 121 40.33 43.25 -20.33
CA GLU M 121 40.81 43.07 -18.99
C GLU M 121 40.32 41.74 -18.35
N ILE M 122 39.07 41.35 -18.62
CA ILE M 122 38.53 40.10 -18.12
C ILE M 122 39.21 38.92 -18.77
N GLU M 123 39.43 38.99 -20.07
CA GLU M 123 40.09 37.92 -20.76
CA GLU M 123 40.13 37.92 -20.75
C GLU M 123 41.50 37.71 -20.15
N GLN M 124 42.21 38.78 -19.89
CA GLN M 124 43.58 38.63 -19.34
C GLN M 124 43.54 38.02 -17.96
N LYS M 125 42.63 38.50 -17.11
CA LYS M 125 42.47 37.92 -15.78
C LYS M 125 42.15 36.42 -15.86
N ALA M 126 41.35 36.04 -16.85
CA ALA M 126 40.91 34.67 -17.03
C ALA M 126 42.00 33.78 -17.51
N ARG M 127 42.84 34.28 -18.40
CA ARG M 127 43.98 33.52 -18.87
C ARG M 127 44.98 33.24 -17.75
N LYS M 128 45.18 34.23 -16.91
CA LYS M 128 46.00 34.09 -15.75
C LYS M 128 45.39 33.06 -14.76
N VAL M 129 44.12 33.23 -14.44
CA VAL M 129 43.47 32.37 -13.45
C VAL M 129 43.45 30.92 -13.95
N LEU M 130 43.10 30.73 -15.20
CA LEU M 130 43.12 29.40 -15.76
C LEU M 130 44.54 28.81 -15.77
N GLY M 131 45.54 29.63 -16.03
CA GLY M 131 46.94 29.15 -16.08
C GLY M 131 47.34 28.64 -14.72
N LEU M 133 45.20 27.64 -12.32
CA LEU M 133 44.40 26.46 -11.99
C LEU M 133 44.97 25.18 -12.63
N LYS M 134 45.36 25.26 -13.89
CA LYS M 134 45.98 24.18 -14.58
C LYS M 134 47.29 23.70 -13.91
N ARG M 135 47.89 24.54 -13.08
CA ARG M 135 49.11 24.19 -12.37
C ARG M 135 48.85 23.82 -10.95
N GLY M 136 47.60 23.57 -10.62
CA GLY M 136 47.27 23.09 -9.29
C GLY M 136 47.09 24.14 -8.24
N ILE M 137 47.06 25.41 -8.59
CA ILE M 137 46.72 26.41 -7.57
C ILE M 137 45.24 26.25 -7.11
N LYS M 138 45.00 26.55 -5.82
CA LYS M 138 43.67 26.52 -5.24
C LYS M 138 43.44 27.84 -4.53
N PHE M 139 42.47 28.62 -5.03
CA PHE M 139 42.16 29.92 -4.45
C PHE M 139 41.24 29.81 -3.28
N THR M 140 40.39 28.77 -3.32
CA THR M 140 39.49 28.47 -2.20
C THR M 140 39.64 26.99 -1.89
N PRO M 141 39.19 26.58 -0.70
CA PRO M 141 39.14 25.14 -0.44
C PRO M 141 37.98 24.42 -1.15
N THR M 142 37.14 25.17 -1.88
CA THR M 142 35.95 24.63 -2.51
C THR M 142 35.96 24.95 -3.97
N GLN M 143 36.88 24.32 -4.67
CA GLN M 143 37.16 24.70 -5.98
C GLN M 143 36.68 23.65 -6.97
N PRO M 144 36.00 24.07 -8.02
CA PRO M 144 35.49 23.05 -8.94
C PRO M 144 36.60 22.27 -9.57
N ASP M 145 36.32 21.02 -9.85
CA ASP M 145 37.22 20.13 -10.55
C ASP M 145 37.07 20.27 -12.04
N ILE M 146 37.68 21.32 -12.57
CA ILE M 146 37.56 21.61 -14.01
C ILE M 146 38.31 20.63 -14.87
N GLN M 147 39.36 20.02 -14.31
CA GLN M 147 40.08 18.94 -15.06
C GLN M 147 39.12 17.77 -15.38
N LYS M 148 38.37 17.35 -14.39
CA LYS M 148 37.42 16.27 -14.58
C LYS M 148 36.39 16.63 -15.65
N ILE M 149 35.84 17.84 -15.55
CA ILE M 149 34.87 18.30 -16.54
C ILE M 149 35.49 18.33 -17.91
N TYR M 150 36.70 18.88 -17.99
CA TYR M 150 37.39 19.04 -19.29
C TYR M 150 37.55 17.67 -19.96
N GLU M 151 37.96 16.66 -19.19
CA GLU M 151 38.17 15.31 -19.75
C GLU M 151 36.86 14.71 -20.19
N ARG M 152 35.81 14.89 -19.38
CA ARG M 152 34.51 14.39 -19.78
C ARG M 152 34.08 14.98 -21.13
N LEU M 153 34.38 16.26 -21.33
CA LEU M 153 33.93 16.92 -22.56
C LEU M 153 34.65 16.35 -23.76
N GLN M 154 35.91 15.98 -23.60
CA GLN M 154 36.65 15.32 -24.68
C GLN M 154 35.94 14.04 -25.22
N GLN M 155 35.05 13.46 -24.42
CA GLN M 155 33.98 12.52 -24.86
C GLN M 155 34.32 11.13 -24.40
N ILE O 2 62.55 55.83 -45.54
CA ILE O 2 61.70 54.90 -44.81
C ILE O 2 61.09 55.59 -43.62
N ARG O 3 59.78 55.43 -43.53
CA ARG O 3 58.94 56.03 -42.50
C ARG O 3 59.54 55.83 -41.09
N ASN O 4 59.51 56.91 -40.30
CA ASN O 4 60.12 57.00 -38.96
C ASN O 4 61.67 57.13 -38.92
N GLY O 5 62.34 57.18 -40.07
CA GLY O 5 63.76 57.48 -40.13
C GLY O 5 64.12 58.96 -40.03
N PHE O 6 65.33 59.24 -39.56
CA PHE O 6 65.86 60.55 -39.54
C PHE O 6 66.80 60.74 -40.74
N TYR O 7 66.82 61.96 -41.28
CA TYR O 7 67.54 62.30 -42.51
C TYR O 7 68.11 63.71 -42.43
N ILE O 8 69.16 63.89 -43.23
CA ILE O 8 69.74 65.19 -43.50
C ILE O 8 69.22 65.63 -44.87
N ILE O 9 68.86 66.90 -44.95
CA ILE O 9 68.29 67.47 -46.13
C ILE O 9 69.34 68.39 -46.76
N LYS O 10 69.43 68.35 -48.07
CA LYS O 10 70.34 69.20 -48.82
C LYS O 10 70.05 70.68 -48.58
N ASP O 11 71.13 71.46 -48.44
CA ASP O 11 70.98 72.93 -48.36
C ASP O 11 70.24 73.49 -49.58
N ARG O 12 70.41 72.83 -50.73
CA ARG O 12 69.72 73.21 -51.95
C ARG O 12 68.23 73.36 -51.76
N PHE O 13 67.63 72.49 -50.95
CA PHE O 13 66.21 72.63 -50.64
C PHE O 13 65.90 74.00 -50.05
N PHE O 14 66.66 74.40 -49.05
CA PHE O 14 66.38 75.64 -48.35
C PHE O 14 66.69 76.87 -49.19
N SER O 15 67.75 76.82 -50.02
CA SER O 15 68.05 77.94 -50.92
C SER O 15 66.95 78.01 -52.00
N ASP O 16 66.53 76.87 -52.56
CA ASP O 16 65.43 76.89 -53.56
C ASP O 16 64.17 77.48 -52.98
N SER O 18 63.73 79.32 -50.14
CA SER O 18 63.93 80.66 -49.66
C SER O 18 62.86 81.11 -48.67
N ASP O 19 62.60 80.30 -47.66
CA ASP O 19 61.60 80.62 -46.72
C ASP O 19 62.30 80.97 -45.43
N PRO O 20 62.17 82.21 -44.97
CA PRO O 20 62.87 82.60 -43.77
C PRO O 20 62.33 81.98 -42.48
N TYR O 21 61.21 81.28 -42.55
CA TYR O 21 60.60 80.77 -41.33
C TYR O 21 60.76 79.26 -41.14
N LEU O 22 61.23 78.54 -42.17
CA LEU O 22 61.70 77.19 -41.98
C LEU O 22 62.85 77.19 -40.98
N LYS O 23 62.91 76.14 -40.16
CA LYS O 23 64.01 76.03 -39.19
C LYS O 23 65.30 75.88 -39.96
N GLY O 24 66.27 76.73 -39.65
CA GLY O 24 67.55 76.71 -40.40
C GLY O 24 68.24 75.35 -40.41
N ASN O 25 68.74 74.97 -41.57
CA ASN O 25 69.31 73.65 -41.72
C ASN O 25 70.72 73.47 -41.08
N LYS O 26 71.33 74.58 -40.66
CA LYS O 26 72.66 74.55 -40.09
C LYS O 26 73.64 73.76 -40.97
N LYS O 27 73.64 74.07 -42.25
CA LYS O 27 74.65 73.51 -43.20
C LYS O 27 74.65 72.02 -43.17
N GLN O 28 73.45 71.48 -43.30
CA GLN O 28 73.26 70.04 -43.39
C GLN O 28 73.57 69.29 -42.08
N ASN O 29 73.28 69.94 -40.96
CA ASN O 29 73.45 69.29 -39.64
C ASN O 29 72.19 69.11 -38.79
N ARG O 30 71.06 69.66 -39.21
CA ARG O 30 69.82 69.48 -38.45
C ARG O 30 69.10 68.19 -38.87
N PRO O 31 68.90 67.27 -37.93
CA PRO O 31 68.22 66.05 -38.31
C PRO O 31 66.76 66.39 -38.56
N HIS O 32 66.19 65.79 -39.59
CA HIS O 32 64.75 65.92 -39.85
C HIS O 32 64.09 64.52 -39.86
N TYR O 33 62.86 64.44 -39.36
CA TYR O 33 62.13 63.19 -39.21
C TYR O 33 61.11 63.02 -40.34
N TYR O 34 61.15 61.88 -41.02
CA TYR O 34 60.21 61.61 -42.06
C TYR O 34 58.95 60.99 -41.46
N CYS O 35 57.87 61.76 -41.42
CA CYS O 35 56.64 61.39 -40.77
C CYS O 35 55.66 60.54 -41.60
N PHE O 36 55.26 61.04 -42.76
CA PHE O 36 54.43 60.25 -43.66
C PHE O 36 54.47 60.80 -45.06
N GLU O 37 54.16 59.95 -46.03
CA GLU O 37 54.01 60.37 -47.40
C GLU O 37 52.73 61.19 -47.55
N ASP O 38 52.74 62.18 -48.46
CA ASP O 38 51.54 62.95 -48.75
C ASP O 38 50.45 62.03 -49.38
N SER O 39 49.19 62.18 -48.96
CA SER O 39 48.06 61.37 -49.49
C SER O 39 47.74 61.64 -50.98
N ASN O 40 47.88 62.90 -51.41
CA ASN O 40 47.46 63.33 -52.74
C ASN O 40 48.49 63.16 -53.84
N TYR O 41 49.78 63.32 -53.52
CA TYR O 41 50.84 63.15 -54.51
C TYR O 41 51.95 62.25 -53.99
N ASN O 42 52.19 61.16 -54.72
CA ASN O 42 53.31 60.28 -54.43
C ASN O 42 54.60 61.05 -54.70
N GLY O 43 55.64 60.77 -53.93
CA GLY O 43 56.91 61.48 -54.08
C GLY O 43 57.00 62.81 -53.32
N ILE O 44 55.96 63.16 -52.56
CA ILE O 44 56.03 64.26 -51.63
C ILE O 44 55.93 63.68 -50.22
N TYR O 45 56.86 64.10 -49.35
CA TYR O 45 57.02 63.53 -48.02
C TYR O 45 56.98 64.63 -47.00
N TRP O 46 56.33 64.37 -45.89
CA TRP O 46 56.22 65.35 -44.85
C TRP O 46 57.33 65.15 -43.81
N ILE O 48 59.61 66.64 -40.32
CA ILE O 48 59.58 67.46 -39.11
C ILE O 48 61.00 67.76 -38.62
N PRO O 49 61.32 69.02 -38.40
CA PRO O 49 62.66 69.36 -37.98
C PRO O 49 62.81 69.14 -36.50
N LEU O 50 64.01 68.75 -36.05
CA LEU O 50 64.27 68.66 -34.62
C LEU O 50 65.12 69.77 -34.06
N SER O 51 64.96 70.04 -32.77
CA SER O 51 65.82 70.95 -32.03
C SER O 51 66.20 70.36 -30.70
N SER O 52 67.41 70.65 -30.23
CA SER O 52 67.83 70.15 -28.93
C SER O 52 67.74 71.23 -27.87
N ARG O 53 67.03 72.32 -28.15
CA ARG O 53 66.83 73.39 -27.17
C ARG O 53 65.65 73.03 -26.24
N ILE O 54 65.87 72.03 -25.38
CA ILE O 54 64.80 71.41 -24.62
C ILE O 54 64.21 72.41 -23.62
N ASP O 55 65.08 73.19 -22.98
CA ASP O 55 64.63 74.20 -22.00
C ASP O 55 63.63 75.15 -22.67
N LYS O 56 63.90 75.58 -23.90
CA LYS O 56 62.98 76.46 -24.61
C LYS O 56 61.66 75.75 -24.93
N TYR O 57 61.75 74.56 -25.52
CA TYR O 57 60.56 73.91 -26.06
C TYR O 57 59.68 73.27 -25.00
N LYS O 58 60.27 72.91 -23.86
CA LYS O 58 59.48 72.48 -22.69
C LYS O 58 58.55 73.57 -22.17
N LYS O 59 59.03 74.81 -22.12
CA LYS O 59 58.16 75.93 -21.72
C LYS O 59 57.00 76.12 -22.66
N ILE O 60 57.20 75.87 -23.94
CA ILE O 60 56.10 76.00 -24.88
C ILE O 60 55.07 74.91 -24.69
N VAL O 61 55.54 73.68 -24.51
CA VAL O 61 54.67 72.55 -24.18
C VAL O 61 53.83 72.84 -22.92
N SER O 62 54.51 73.30 -21.86
CA SER O 62 53.86 73.54 -20.57
C SER O 62 52.82 74.68 -20.61
N LYS O 63 52.88 75.60 -21.59
CA LYS O 63 51.80 76.56 -21.84
C LYS O 63 50.46 75.86 -22.03
N ARG O 64 50.44 74.73 -22.72
CA ARG O 64 49.18 74.00 -22.92
C ARG O 64 48.92 72.98 -21.84
N THR O 65 49.97 72.26 -21.52
CA THR O 65 49.96 71.21 -20.53
C THR O 65 49.51 71.72 -19.13
N GLY O 66 49.97 72.92 -18.76
CA GLY O 66 49.61 73.54 -17.50
C GLY O 66 48.15 73.96 -17.43
N LYS O 67 47.49 74.09 -18.59
CA LYS O 67 46.04 74.28 -18.69
C LYS O 67 45.30 72.96 -18.99
N GLY O 68 45.88 71.80 -18.70
CA GLY O 68 45.21 70.54 -18.93
C GLY O 68 44.95 70.16 -20.39
N ARG O 69 45.68 70.77 -21.33
CA ARG O 69 45.56 70.39 -22.75
C ARG O 69 46.85 69.70 -23.28
N ASN O 70 46.69 68.86 -24.30
CA ASN O 70 47.83 68.29 -25.03
C ASN O 70 48.52 69.35 -25.87
N CYS O 71 49.84 69.25 -26.01
CA CYS O 71 50.59 70.06 -26.97
C CYS O 71 50.81 69.23 -28.18
N ASP O 72 50.20 69.59 -29.29
CA ASP O 72 50.44 68.91 -30.56
C ASP O 72 51.57 69.53 -31.41
N ILE O 73 51.92 70.79 -31.15
CA ILE O 73 52.82 71.50 -32.04
C ILE O 73 54.29 71.19 -31.73
N ILE O 74 54.53 70.72 -30.52
CA ILE O 74 55.83 70.27 -30.08
C ILE O 74 55.68 68.99 -29.30
N HIS O 75 56.55 68.05 -29.58
CA HIS O 75 56.63 66.81 -28.83
C HIS O 75 58.11 66.52 -28.52
N ILE O 76 58.39 66.27 -27.25
CA ILE O 76 59.71 66.00 -26.78
C ILE O 76 59.79 64.53 -26.41
N VAL O 77 60.77 63.85 -26.98
CA VAL O 77 61.02 62.46 -26.64
C VAL O 77 62.51 62.13 -26.70
N LYS O 78 62.91 61.18 -25.87
CA LYS O 78 64.25 60.65 -25.88
C LYS O 78 64.38 59.75 -27.10
N LEU O 79 65.35 60.06 -27.96
CA LEU O 79 65.67 59.18 -29.11
C LEU O 79 66.62 58.05 -28.71
N ASP O 80 66.90 57.17 -29.67
CA ASP O 80 67.69 56.00 -29.41
C ASP O 80 69.16 56.33 -29.16
N ASP O 81 69.56 57.59 -29.34
CA ASP O 81 70.86 58.07 -28.85
C ASP O 81 70.80 58.45 -27.37
N SER O 82 69.66 58.22 -26.74
CA SER O 82 69.41 58.43 -25.32
C SER O 82 69.37 59.86 -24.89
N HIS O 83 69.22 60.78 -25.86
CA HIS O 83 69.02 62.19 -25.49
C HIS O 83 67.67 62.66 -25.98
N GLU O 84 67.17 63.67 -25.30
CA GLU O 84 65.87 64.26 -25.58
C GLU O 84 65.94 65.19 -26.76
N SER O 85 64.96 65.07 -27.65
CA SER O 85 64.86 65.92 -28.81
C SER O 85 63.47 66.50 -28.89
N ALA O 86 63.38 67.77 -29.29
CA ALA O 86 62.08 68.40 -29.61
C ALA O 86 61.73 68.30 -31.07
N PHE O 87 60.57 67.72 -31.34
CA PHE O 87 60.06 67.60 -32.65
C PHE O 87 59.21 68.87 -32.85
N LEU O 88 59.63 69.77 -33.74
CA LEU O 88 58.89 71.01 -33.95
C LEU O 88 57.85 70.74 -35.04
N ILE O 89 56.78 70.07 -34.62
CA ILE O 89 55.74 69.65 -35.55
C ILE O 89 55.04 70.90 -36.19
N GLN O 90 54.94 71.97 -35.38
CA GLN O 90 54.58 73.33 -35.85
C GLN O 90 55.21 73.74 -37.15
N ASP O 91 56.46 73.30 -37.38
CA ASP O 91 57.26 73.75 -38.50
C ASP O 91 57.47 72.68 -39.53
N PHE O 93 56.96 70.39 -42.91
CA PHE O 93 56.96 70.85 -44.26
C PHE O 93 57.14 69.73 -45.24
N PRO O 94 56.85 69.98 -46.50
CA PRO O 94 56.97 68.92 -47.51
C PRO O 94 58.23 68.94 -48.29
N ILE O 95 58.59 67.79 -48.82
CA ILE O 95 59.80 67.67 -49.57
C ILE O 95 59.71 66.52 -50.58
N SER O 96 60.61 66.51 -51.55
CA SER O 96 60.67 65.43 -52.52
C SER O 96 62.04 64.78 -52.45
N ASP O 97 62.14 63.63 -53.11
CA ASP O 97 63.25 62.73 -52.96
C ASP O 97 64.60 63.31 -53.32
N LYS O 98 64.63 64.16 -54.34
CA LYS O 98 65.88 64.67 -54.80
C LYS O 98 66.54 65.64 -53.81
N TYR O 99 65.77 66.14 -52.85
CA TYR O 99 66.31 67.04 -51.84
C TYR O 99 66.87 66.34 -50.59
N ILE O 100 66.77 65.02 -50.53
CA ILE O 100 67.26 64.26 -49.40
C ILE O 100 68.73 64.00 -49.61
N GLU O 101 69.57 64.37 -48.64
CA GLU O 101 71.01 64.13 -48.79
C GLU O 101 71.38 62.71 -48.37
N ARG O 102 70.96 62.29 -47.19
CA ARG O 102 71.40 60.99 -46.66
C ARG O 102 70.68 60.69 -45.38
N GLU O 103 70.88 59.46 -44.92
CA GLU O 103 70.41 59.02 -43.62
C GLU O 103 71.19 59.73 -42.52
N TYR O 104 70.51 60.06 -41.43
CA TYR O 104 71.20 60.56 -40.23
C TYR O 104 71.60 59.34 -39.43
N THR O 105 72.87 59.24 -39.01
CA THR O 105 73.39 58.00 -38.43
C THR O 105 73.78 58.10 -36.96
N ILE O 106 73.78 56.94 -36.32
CA ILE O 106 74.38 56.73 -35.01
C ILE O 106 75.38 55.58 -35.17
N ALA O 107 76.67 55.90 -35.04
CA ALA O 107 77.74 54.92 -35.27
C ALA O 107 77.47 54.12 -36.55
N GLY O 108 77.13 54.82 -37.62
CA GLY O 108 77.03 54.15 -38.91
C GLY O 108 75.75 53.41 -39.14
N ASN O 109 74.88 53.33 -38.15
CA ASN O 109 73.53 52.79 -38.37
C ASN O 109 72.58 53.97 -38.57
N HIS O 110 71.44 53.68 -39.16
CA HIS O 110 70.42 54.69 -39.44
C HIS O 110 69.62 55.01 -38.19
N LEU O 111 69.72 56.23 -37.69
CA LEU O 111 68.95 56.59 -36.53
C LEU O 111 67.51 56.65 -36.97
N ARG O 112 66.65 56.03 -36.18
CA ARG O 112 65.20 56.07 -36.48
C ARG O 112 64.40 55.94 -35.22
N LEU O 113 63.14 56.32 -35.31
CA LEU O 113 62.30 56.32 -34.12
C LEU O 113 61.74 54.89 -33.99
N THR O 114 62.51 54.01 -33.32
CA THR O 114 62.17 52.57 -33.28
C THR O 114 60.97 52.29 -32.36
N SER O 115 60.82 53.11 -31.31
CA SER O 115 59.72 53.00 -30.38
C SER O 115 58.38 53.34 -31.10
N GLU O 116 57.67 52.32 -31.55
CA GLU O 116 56.44 52.50 -32.30
C GLU O 116 55.40 53.35 -31.57
N HIS O 117 55.32 53.30 -30.25
CA HIS O 117 54.32 54.10 -29.60
C HIS O 117 54.61 55.59 -29.69
N ALA O 118 55.88 55.95 -29.74
CA ALA O 118 56.24 57.36 -29.85
C ALA O 118 55.97 57.81 -31.28
N ALA O 119 56.32 56.98 -32.25
CA ALA O 119 56.07 57.31 -33.63
C ALA O 119 54.59 57.56 -33.87
N LYS O 120 53.76 56.73 -33.26
CA LYS O 120 52.34 56.80 -33.46
C LYS O 120 51.82 58.11 -32.85
N GLU O 121 52.28 58.46 -31.68
CA GLU O 121 51.82 59.67 -31.06
C GLU O 121 52.23 60.91 -31.89
N ILE O 122 53.43 60.86 -32.47
CA ILE O 122 53.94 61.94 -33.30
C ILE O 122 53.15 62.01 -34.59
N GLU O 123 52.88 60.86 -35.21
CA GLU O 123 52.10 60.84 -36.44
CA GLU O 123 52.06 60.79 -36.44
C GLU O 123 50.69 61.46 -36.21
N GLN O 124 50.07 61.15 -35.08
CA GLN O 124 48.77 61.74 -34.79
C GLN O 124 48.84 63.23 -34.59
N LYS O 125 49.84 63.68 -33.83
CA LYS O 125 50.05 65.09 -33.63
C LYS O 125 50.29 65.83 -34.95
N ALA O 126 51.02 65.19 -35.83
CA ALA O 126 51.33 65.76 -37.11
C ALA O 126 50.13 65.86 -38.04
N ARG O 127 49.26 64.86 -38.02
CA ARG O 127 48.04 64.88 -38.86
C ARG O 127 47.09 65.98 -38.41
N LYS O 128 47.02 66.17 -37.12
CA LYS O 128 46.27 67.24 -36.55
C LYS O 128 46.86 68.61 -36.89
N VAL O 129 48.16 68.77 -36.67
CA VAL O 129 48.80 70.07 -36.96
C VAL O 129 48.68 70.39 -38.44
N LEU O 130 48.91 69.42 -39.30
CA LEU O 130 48.84 69.68 -40.72
C LEU O 130 47.41 70.06 -41.12
N GLY O 131 46.45 69.41 -40.48
CA GLY O 131 45.06 69.69 -40.76
C GLY O 131 44.70 71.12 -40.40
N LEU O 133 46.97 73.65 -40.10
CA LEU O 133 47.71 74.52 -41.02
C LEU O 133 47.01 74.68 -42.37
N LYS O 134 46.54 73.56 -42.96
CA LYS O 134 45.83 73.60 -44.24
C LYS O 134 44.53 74.42 -44.14
N ARG O 135 44.04 74.68 -42.94
CA ARG O 135 42.90 75.56 -42.79
C ARG O 135 43.18 76.93 -42.28
N GLY O 136 44.44 77.31 -42.39
CA GLY O 136 44.83 78.67 -42.17
C GLY O 136 45.19 78.98 -40.74
N ILE O 137 45.28 77.98 -39.86
CA ILE O 137 45.70 78.31 -38.50
C ILE O 137 47.16 78.74 -38.52
N LYS O 138 47.49 79.68 -37.63
CA LYS O 138 48.84 80.17 -37.47
C LYS O 138 49.19 80.10 -36.01
N PHE O 139 50.17 79.24 -35.70
CA PHE O 139 50.58 79.03 -34.33
C PHE O 139 51.54 80.09 -33.89
N THR O 140 52.32 80.60 -34.84
CA THR O 140 53.24 81.70 -34.57
C THR O 140 53.02 82.76 -35.63
N PRO O 141 53.48 84.00 -35.38
CA PRO O 141 53.54 84.97 -36.47
C PRO O 141 54.66 84.73 -37.51
N THR O 142 55.48 83.70 -37.32
CA THR O 142 56.59 83.40 -38.22
C THR O 142 56.48 81.98 -38.72
N GLN O 143 55.49 81.76 -39.54
CA GLN O 143 55.16 80.44 -39.93
C GLN O 143 55.56 80.15 -41.36
N PRO O 144 56.20 79.00 -41.61
CA PRO O 144 56.61 78.73 -43.00
C PRO O 144 55.44 78.61 -43.92
N ASP O 145 55.64 79.03 -45.16
CA ASP O 145 54.64 78.93 -46.19
C ASP O 145 54.76 77.58 -46.87
N ILE O 146 54.17 76.59 -46.22
CA ILE O 146 54.21 75.23 -46.77
C ILE O 146 53.35 75.03 -48.01
N GLN O 147 52.29 75.83 -48.15
CA GLN O 147 51.48 75.79 -49.39
C GLN O 147 52.34 76.13 -50.60
N LYS O 148 53.11 77.19 -50.49
CA LYS O 148 53.98 77.57 -51.59
C LYS O 148 54.95 76.43 -51.93
N ILE O 149 55.57 75.86 -50.90
CA ILE O 149 56.53 74.77 -51.11
C ILE O 149 55.85 73.58 -51.74
N TYR O 150 54.69 73.24 -51.21
CA TYR O 150 53.93 72.09 -51.72
C TYR O 150 53.64 72.24 -53.22
N GLU O 151 53.21 73.44 -53.64
CA GLU O 151 52.94 73.71 -55.07
C GLU O 151 54.20 73.62 -55.91
N ARG O 152 55.29 74.20 -55.41
CA ARG O 152 56.55 74.11 -56.16
C ARG O 152 56.95 72.66 -56.37
N LEU O 153 56.72 71.81 -55.36
CA LEU O 153 57.11 70.40 -55.50
C LEU O 153 56.29 69.67 -56.56
N GLN O 154 55.01 70.01 -56.69
CA GLN O 154 54.18 69.48 -57.78
C GLN O 154 54.82 69.65 -59.18
N GLN O 155 55.77 70.58 -59.32
CA GLN O 155 56.88 70.36 -60.32
C GLN O 155 58.21 71.10 -60.03
#